data_4U35
# 
_entry.id   4U35 
# 
_audit_conform.dict_name       mmcif_pdbx.dic 
_audit_conform.dict_version    5.379 
_audit_conform.dict_location   http://mmcif.pdb.org/dictionaries/ascii/mmcif_pdbx.dic 
# 
loop_
_database_2.database_id 
_database_2.database_code 
_database_2.pdbx_database_accession 
_database_2.pdbx_DOI 
PDB   4U35         pdb_00004u35 10.2210/pdb4u35/pdb 
WWPDB D_1000202729 ?            ?                   
# 
loop_
_pdbx_database_related.content_type 
_pdbx_database_related.db_id 
_pdbx_database_related.db_name 
_pdbx_database_related.details 
unspecified 4U34 PDB . 
unspecified 4U37 PDB . 
unspecified 4U38 PDB . 
# 
_pdbx_database_status.status_code                     REL 
_pdbx_database_status.status_code_sf                  REL 
_pdbx_database_status.status_code_mr                  ? 
_pdbx_database_status.entry_id                        4U35 
_pdbx_database_status.recvd_initial_deposition_date   2014-07-18 
_pdbx_database_status.SG_entry                        N 
_pdbx_database_status.deposit_site                    RCSB 
_pdbx_database_status.process_site                    RCSB 
_pdbx_database_status.status_code_cs                  ? 
_pdbx_database_status.methods_development_category    ? 
_pdbx_database_status.pdb_format_compatible           Y 
_pdbx_database_status.status_code_nmr_data            ? 
# 
loop_
_audit_author.name 
_audit_author.pdbx_ordinal 
'Sheng, J.'     1 
'Larsen, A.'    2 
'Heuberger, B.' 3 
'Blain, J.C.'   4 
'Szostak, J.W.' 5 
# 
_citation.abstract                  ? 
_citation.abstract_id_CAS           ? 
_citation.book_id_ISBN              ? 
_citation.book_publisher            ? 
_citation.book_publisher_city       ? 
_citation.book_title                ? 
_citation.coordinate_linkage        ? 
_citation.country                   US 
_citation.database_id_Medline       ? 
_citation.details                   ? 
_citation.id                        primary 
_citation.journal_abbrev            J.Am.Chem.Soc. 
_citation.journal_id_ASTM           JACSAT 
_citation.journal_id_CSD            ? 
_citation.journal_id_ISSN           1520-5126 
_citation.journal_full              ? 
_citation.journal_issue             ? 
_citation.journal_volume            136 
_citation.language                  ? 
_citation.page_first                13916 
_citation.page_last                 13924 
_citation.title                     'Crystal Structure Studies of RNA Duplexes Containing s(2)U:A and s(2)U:U Base Pairs.' 
_citation.year                      2014 
_citation.database_id_CSD           ? 
_citation.pdbx_database_id_DOI      10.1021/ja508015a 
_citation.pdbx_database_id_PubMed   25188906 
_citation.unpublished_flag          ? 
# 
loop_
_citation_author.citation_id 
_citation_author.name 
_citation_author.ordinal 
_citation_author.identifier_ORCID 
primary 'Sheng, J.'       1 ? 
primary 'Larsen, A.'      2 ? 
primary 'Heuberger, B.D.' 3 ? 
primary 'Blain, J.C.'     4 ? 
primary 'Szostak, J.W.'   5 ? 
# 
_cell.entry_id           4U35 
_cell.length_a           21.681 
_cell.length_b           35.158 
_cell.length_c           47.304 
_cell.angle_alpha        90.00 
_cell.angle_beta         90.00 
_cell.angle_gamma        90.00 
_cell.Z_PDB              4 
_cell.pdbx_unique_axis   ? 
# 
_symmetry.entry_id                         4U35 
_symmetry.cell_setting                     ? 
_symmetry.Int_Tables_number                19 
_symmetry.space_group_name_Hall            ? 
_symmetry.space_group_name_H-M             'P 21 21 21' 
_symmetry.pdbx_full_space_group_name_H-M   ? 
# 
loop_
_entity.id 
_entity.type 
_entity.src_method 
_entity.pdbx_description 
_entity.formula_weight 
_entity.pdbx_number_of_molecules 
_entity.pdbx_ec 
_entity.pdbx_mutation 
_entity.pdbx_fragment 
_entity.details 
1 polymer syn 
;RNA (5'-R(*UP*AP*GP*CP*(SUR)P*CP*C-3')
;
2173.397 1  ? ? ? ? 
2 polymer syn 
;RNA (5'-R(*GP*GP*UP*GP*CP*UP*A)-3')
;
2237.379 1  ? ? ? ? 
3 water   nat water                                    18.015   66 ? ? ? ? 
# 
loop_
_entity_poly.entity_id 
_entity_poly.type 
_entity_poly.nstd_linkage 
_entity_poly.nstd_monomer 
_entity_poly.pdbx_seq_one_letter_code 
_entity_poly.pdbx_seq_one_letter_code_can 
_entity_poly.pdbx_strand_id 
_entity_poly.pdbx_target_identifier 
1 polyribonucleotide no yes 'UAGC(SUR)CC' UAGCUCC A ? 
2 polyribonucleotide no no  GGUGCUA       GGUGCUA B ? 
# 
loop_
_entity_poly_seq.entity_id 
_entity_poly_seq.num 
_entity_poly_seq.mon_id 
_entity_poly_seq.hetero 
1 1 U   n 
1 2 A   n 
1 3 G   n 
1 4 C   n 
1 5 SUR n 
1 6 C   n 
1 7 C   n 
2 1 G   n 
2 2 G   n 
2 3 U   n 
2 4 G   n 
2 5 C   n 
2 6 U   n 
2 7 A   n 
# 
loop_
_pdbx_entity_src_syn.entity_id 
_pdbx_entity_src_syn.pdbx_src_id 
_pdbx_entity_src_syn.pdbx_alt_source_flag 
_pdbx_entity_src_syn.pdbx_beg_seq_num 
_pdbx_entity_src_syn.pdbx_end_seq_num 
_pdbx_entity_src_syn.organism_scientific 
_pdbx_entity_src_syn.organism_common_name 
_pdbx_entity_src_syn.ncbi_taxonomy_id 
_pdbx_entity_src_syn.details 
1 1 sample 1 7 'synthetic construct' ? 32630 ? 
2 1 sample 1 7 'synthetic construct' ? 32630 ? 
# 
loop_
_struct_ref.id 
_struct_ref.db_name 
_struct_ref.db_code 
_struct_ref.pdbx_db_accession 
_struct_ref.pdbx_db_isoform 
_struct_ref.entity_id 
_struct_ref.pdbx_seq_one_letter_code 
_struct_ref.pdbx_align_begin 
1 PDB 4U35 4U35 ? 1 ? 1 
2 PDB 4U35 4U35 ? 2 ? 1 
# 
loop_
_struct_ref_seq.align_id 
_struct_ref_seq.ref_id 
_struct_ref_seq.pdbx_PDB_id_code 
_struct_ref_seq.pdbx_strand_id 
_struct_ref_seq.seq_align_beg 
_struct_ref_seq.pdbx_seq_align_beg_ins_code 
_struct_ref_seq.seq_align_end 
_struct_ref_seq.pdbx_seq_align_end_ins_code 
_struct_ref_seq.pdbx_db_accession 
_struct_ref_seq.db_align_beg 
_struct_ref_seq.pdbx_db_align_beg_ins_code 
_struct_ref_seq.db_align_end 
_struct_ref_seq.pdbx_db_align_end_ins_code 
_struct_ref_seq.pdbx_auth_seq_align_beg 
_struct_ref_seq.pdbx_auth_seq_align_end 
1 1 4U35 A 1 ? 7 ? 4U35 1 ? 7  ? 1 7  
2 2 4U35 B 1 ? 7 ? 4U35 8 ? 14 ? 8 14 
# 
loop_
_chem_comp.id 
_chem_comp.type 
_chem_comp.mon_nstd_flag 
_chem_comp.name 
_chem_comp.pdbx_synonyms 
_chem_comp.formula 
_chem_comp.formula_weight 
A   'RNA linking' y "ADENOSINE-5'-MONOPHOSPHATE"                          ? 'C10 H14 N5 O7 P'  347.221 
C   'RNA linking' y "CYTIDINE-5'-MONOPHOSPHATE"                           ? 'C9 H14 N3 O8 P'   323.197 
G   'RNA linking' y "GUANOSINE-5'-MONOPHOSPHATE"                          ? 'C10 H14 N5 O8 P'  363.221 
HOH non-polymer   . WATER                                                 ? 'H2 O'             18.015  
SUR 'RNA linking' n "1-(BETA-D-RIBOFURANOSYL)-2-THIO-URACIL-5'-PHOSPHATE" ? 'C9 H13 N2 O8 P S' 340.247 
U   'RNA linking' y "URIDINE-5'-MONOPHOSPHATE"                            ? 'C9 H13 N2 O9 P'   324.181 
# 
_exptl.absorpt_coefficient_mu     ? 
_exptl.absorpt_correction_T_max   ? 
_exptl.absorpt_correction_T_min   ? 
_exptl.absorpt_correction_type    ? 
_exptl.absorpt_process_details    ? 
_exptl.entry_id                   4U35 
_exptl.crystals_number            ? 
_exptl.details                    ? 
_exptl.method                     'X-RAY DIFFRACTION' 
_exptl.method_details             ? 
# 
_exptl_crystal.colour                      ? 
_exptl_crystal.density_diffrn              ? 
_exptl_crystal.density_Matthews            2.15 
_exptl_crystal.density_method              ? 
_exptl_crystal.density_percent_sol         42.67 
_exptl_crystal.description                 ? 
_exptl_crystal.F_000                       ? 
_exptl_crystal.id                          1 
_exptl_crystal.preparation                 ? 
_exptl_crystal.size_max                    ? 
_exptl_crystal.size_mid                    ? 
_exptl_crystal.size_min                    ? 
_exptl_crystal.size_rad                    ? 
_exptl_crystal.colour_lustre               ? 
_exptl_crystal.colour_modifier             ? 
_exptl_crystal.colour_primary              ? 
_exptl_crystal.density_meas                ? 
_exptl_crystal.density_meas_esd            ? 
_exptl_crystal.density_meas_gt             ? 
_exptl_crystal.density_meas_lt             ? 
_exptl_crystal.density_meas_temp           ? 
_exptl_crystal.density_meas_temp_esd       ? 
_exptl_crystal.density_meas_temp_gt        ? 
_exptl_crystal.density_meas_temp_lt        ? 
_exptl_crystal.pdbx_crystal_image_url      ? 
_exptl_crystal.pdbx_crystal_image_format   ? 
_exptl_crystal.pdbx_mosaicity              ? 
_exptl_crystal.pdbx_mosaicity_esd          ? 
# 
_exptl_crystal_grow.apparatus       ? 
_exptl_crystal_grow.atmosphere      ? 
_exptl_crystal_grow.crystal_id      1 
_exptl_crystal_grow.details         ? 
_exptl_crystal_grow.method          'VAPOR DIFFUSION, HANGING DROP' 
_exptl_crystal_grow.method_ref      ? 
_exptl_crystal_grow.pH              7.0 
_exptl_crystal_grow.pressure        ? 
_exptl_crystal_grow.pressure_esd    ? 
_exptl_crystal_grow.seeding         ? 
_exptl_crystal_grow.seeding_ref     ? 
_exptl_crystal_grow.temp            293 
_exptl_crystal_grow.temp_details    ? 
_exptl_crystal_grow.temp_esd        ? 
_exptl_crystal_grow.time            ? 
_exptl_crystal_grow.pdbx_details    '10% MPD, 40 mM Na cacodylate pH 7.0, 12 mM spermine tetra-HCl, 80 mM KCl and 20 mM BaCl2' 
_exptl_crystal_grow.pdbx_pH_range   ? 
# 
_diffrn.ambient_environment    ? 
_diffrn.ambient_temp           99 
_diffrn.ambient_temp_details   ? 
_diffrn.ambient_temp_esd       ? 
_diffrn.crystal_id             1 
_diffrn.crystal_support        ? 
_diffrn.crystal_treatment      ? 
_diffrn.details                ? 
_diffrn.id                     1 
_diffrn.ambient_pressure       ? 
_diffrn.ambient_pressure_esd   ? 
_diffrn.ambient_pressure_gt    ? 
_diffrn.ambient_pressure_lt    ? 
_diffrn.ambient_temp_gt        ? 
_diffrn.ambient_temp_lt        ? 
# 
_diffrn_detector.details                      ? 
_diffrn_detector.detector                     CCD 
_diffrn_detector.diffrn_id                    1 
_diffrn_detector.type                         'ADSC QUANTUM 315' 
_diffrn_detector.area_resol_mean              ? 
_diffrn_detector.dtime                        ? 
_diffrn_detector.pdbx_frames_total            ? 
_diffrn_detector.pdbx_collection_time_total   ? 
_diffrn_detector.pdbx_collection_date         2012-05-05 
# 
_diffrn_radiation.collimation                      ? 
_diffrn_radiation.diffrn_id                        1 
_diffrn_radiation.filter_edge                      ? 
_diffrn_radiation.inhomogeneity                    ? 
_diffrn_radiation.monochromator                    'Double crystal, Si(111)' 
_diffrn_radiation.polarisn_norm                    ? 
_diffrn_radiation.polarisn_ratio                   ? 
_diffrn_radiation.probe                            ? 
_diffrn_radiation.type                             ? 
_diffrn_radiation.xray_symbol                      ? 
_diffrn_radiation.wavelength_id                    1 
_diffrn_radiation.pdbx_monochromatic_or_laue_m_l   M 
_diffrn_radiation.pdbx_wavelength_list             ? 
_diffrn_radiation.pdbx_wavelength                  ? 
_diffrn_radiation.pdbx_diffrn_protocol             'SINGLE WAVELENGTH' 
_diffrn_radiation.pdbx_analyzer                    ? 
_diffrn_radiation.pdbx_scattering_type             x-ray 
# 
_diffrn_radiation_wavelength.id           1 
_diffrn_radiation_wavelength.wavelength   1.0 
_diffrn_radiation_wavelength.wt           1.0 
# 
_diffrn_source.current                     ? 
_diffrn_source.details                     ? 
_diffrn_source.diffrn_id                   1 
_diffrn_source.power                       ? 
_diffrn_source.size                        ? 
_diffrn_source.source                      SYNCHROTRON 
_diffrn_source.target                      ? 
_diffrn_source.type                        'ALS BEAMLINE 8.2.2' 
_diffrn_source.voltage                     ? 
_diffrn_source.take-off_angle              ? 
_diffrn_source.pdbx_wavelength_list        1.0 
_diffrn_source.pdbx_wavelength             ? 
_diffrn_source.pdbx_synchrotron_beamline   8.2.2 
_diffrn_source.pdbx_synchrotron_site       ALS 
# 
_reflns.B_iso_Wilson_estimate            ? 
_reflns.entry_id                         4U35 
_reflns.data_reduction_details           ? 
_reflns.data_reduction_method            ? 
_reflns.d_resolution_high                1.55 
_reflns.d_resolution_low                 30 
_reflns.details                          ? 
_reflns.limit_h_max                      ? 
_reflns.limit_h_min                      ? 
_reflns.limit_k_max                      ? 
_reflns.limit_k_min                      ? 
_reflns.limit_l_max                      ? 
_reflns.limit_l_min                      ? 
_reflns.number_all                       5355 
_reflns.number_obs                       5093 
_reflns.observed_criterion               ? 
_reflns.observed_criterion_F_max         ? 
_reflns.observed_criterion_F_min         ? 
_reflns.observed_criterion_I_max         ? 
_reflns.observed_criterion_I_min         ? 
_reflns.observed_criterion_sigma_F       ? 
_reflns.observed_criterion_sigma_I       ? 
_reflns.percent_possible_obs             95.1 
_reflns.R_free_details                   ? 
_reflns.Rmerge_F_all                     ? 
_reflns.Rmerge_F_obs                     ? 
_reflns.Friedel_coverage                 ? 
_reflns.number_gt                        ? 
_reflns.threshold_expression             ? 
_reflns.pdbx_redundancy                  11.7 
_reflns.pdbx_Rmerge_I_obs                0.099 
_reflns.pdbx_Rmerge_I_all                ? 
_reflns.pdbx_Rsym_value                  0.092 
_reflns.pdbx_netI_over_av_sigmaI         ? 
_reflns.pdbx_netI_over_sigmaI            23.3 
_reflns.pdbx_res_netI_over_av_sigmaI_2   ? 
_reflns.pdbx_res_netI_over_sigmaI_2      ? 
_reflns.pdbx_chi_squared                 ? 
_reflns.pdbx_scaling_rejects             ? 
_reflns.pdbx_d_res_high_opt              ? 
_reflns.pdbx_d_res_low_opt               ? 
_reflns.pdbx_d_res_opt_method            ? 
_reflns.phase_calculation_details        ? 
_reflns.pdbx_Rrim_I_all                  ? 
_reflns.pdbx_Rpim_I_all                  ? 
_reflns.pdbx_d_opt                       ? 
_reflns.pdbx_number_measured_all         ? 
_reflns.pdbx_diffrn_id                   1 
_reflns.pdbx_ordinal                     1 
_reflns.pdbx_CC_half                     ? 
_reflns.pdbx_R_split                     ? 
# 
_reflns_shell.d_res_high                  1.55 
_reflns_shell.d_res_low                   1.61 
_reflns_shell.meanI_over_sigI_all         ? 
_reflns_shell.meanI_over_sigI_obs         3.4 
_reflns_shell.number_measured_all         ? 
_reflns_shell.number_measured_obs         ? 
_reflns_shell.number_possible             ? 
_reflns_shell.number_unique_all           ? 
_reflns_shell.number_unique_obs           ? 
_reflns_shell.percent_possible_all        73.2 
_reflns_shell.percent_possible_obs        ? 
_reflns_shell.Rmerge_F_all                ? 
_reflns_shell.Rmerge_F_obs                ? 
_reflns_shell.Rmerge_I_all                ? 
_reflns_shell.Rmerge_I_obs                0.361 
_reflns_shell.meanI_over_sigI_gt          ? 
_reflns_shell.meanI_over_uI_all           ? 
_reflns_shell.meanI_over_uI_gt            ? 
_reflns_shell.number_measured_gt          ? 
_reflns_shell.number_unique_gt            ? 
_reflns_shell.percent_possible_gt         ? 
_reflns_shell.Rmerge_F_gt                 ? 
_reflns_shell.Rmerge_I_gt                 ? 
_reflns_shell.pdbx_redundancy             6.3 
_reflns_shell.pdbx_Rsym_value             ? 
_reflns_shell.pdbx_chi_squared            ? 
_reflns_shell.pdbx_netI_over_sigmaI_all   ? 
_reflns_shell.pdbx_netI_over_sigmaI_obs   ? 
_reflns_shell.pdbx_Rrim_I_all             ? 
_reflns_shell.pdbx_Rpim_I_all             ? 
_reflns_shell.pdbx_rejects                ? 
_reflns_shell.pdbx_ordinal                1 
_reflns_shell.pdbx_diffrn_id              1 
_reflns_shell.pdbx_CC_half                ? 
_reflns_shell.pdbx_R_split                ? 
# 
_refine.aniso_B[1][1]                            0.04 
_refine.aniso_B[1][2]                            0.00 
_refine.aniso_B[1][3]                            0.00 
_refine.aniso_B[2][2]                            -0.31 
_refine.aniso_B[2][3]                            0.00 
_refine.aniso_B[3][3]                            0.27 
_refine.B_iso_max                                ? 
_refine.B_iso_mean                               18.635 
_refine.B_iso_min                                ? 
_refine.correlation_coeff_Fo_to_Fc               0.964 
_refine.correlation_coeff_Fo_to_Fc_free          0.950 
_refine.details                                  'HYDROGENS HAVE BEEN USED IF PRESENT IN THE INPUT' 
_refine.diff_density_max                         ? 
_refine.diff_density_max_esd                     ? 
_refine.diff_density_min                         ? 
_refine.diff_density_min_esd                     ? 
_refine.diff_density_rms                         ? 
_refine.diff_density_rms_esd                     ? 
_refine.entry_id                                 4U35 
_refine.pdbx_refine_id                           'X-RAY DIFFRACTION' 
_refine.ls_abs_structure_details                 ? 
_refine.ls_abs_structure_Flack                   ? 
_refine.ls_abs_structure_Flack_esd               ? 
_refine.ls_abs_structure_Rogers                  ? 
_refine.ls_abs_structure_Rogers_esd              ? 
_refine.ls_d_res_high                            1.55 
_refine.ls_d_res_low                             28.22 
_refine.ls_extinction_coef                       ? 
_refine.ls_extinction_coef_esd                   ? 
_refine.ls_extinction_expression                 ? 
_refine.ls_extinction_method                     ? 
_refine.ls_goodness_of_fit_all                   ? 
_refine.ls_goodness_of_fit_all_esd               ? 
_refine.ls_goodness_of_fit_obs                   ? 
_refine.ls_goodness_of_fit_obs_esd               ? 
_refine.ls_hydrogen_treatment                    ? 
_refine.ls_matrix_type                           ? 
_refine.ls_number_constraints                    ? 
_refine.ls_number_parameters                     ? 
_refine.ls_number_reflns_all                     ? 
_refine.ls_number_reflns_obs                     5091 
_refine.ls_number_reflns_R_free                  241 
_refine.ls_number_reflns_R_work                  ? 
_refine.ls_number_restraints                     ? 
_refine.ls_percent_reflns_obs                    94.91 
_refine.ls_percent_reflns_R_free                 4.5 
_refine.ls_R_factor_all                          ? 
_refine.ls_R_factor_obs                          0.18465 
_refine.ls_R_factor_R_free                       0.21125 
_refine.ls_R_factor_R_free_error                 ? 
_refine.ls_R_factor_R_free_error_details         ? 
_refine.ls_R_factor_R_work                       0.18349 
_refine.ls_R_Fsqd_factor_obs                     ? 
_refine.ls_R_I_factor_obs                        ? 
_refine.ls_redundancy_reflns_all                 ? 
_refine.ls_redundancy_reflns_obs                 ? 
_refine.ls_restrained_S_all                      ? 
_refine.ls_restrained_S_obs                      ? 
_refine.ls_shift_over_esd_max                    ? 
_refine.ls_shift_over_esd_mean                   ? 
_refine.ls_structure_factor_coef                 ? 
_refine.ls_weighting_details                     ? 
_refine.ls_weighting_scheme                      ? 
_refine.ls_wR_factor_all                         ? 
_refine.ls_wR_factor_obs                         ? 
_refine.ls_wR_factor_R_free                      ? 
_refine.ls_wR_factor_R_work                      ? 
_refine.occupancy_max                            ? 
_refine.occupancy_min                            ? 
_refine.solvent_model_details                    MASK 
_refine.solvent_model_param_bsol                 ? 
_refine.solvent_model_param_ksol                 ? 
_refine.ls_R_factor_gt                           ? 
_refine.ls_goodness_of_fit_gt                    ? 
_refine.ls_goodness_of_fit_ref                   ? 
_refine.ls_shift_over_su_max                     ? 
_refine.ls_shift_over_su_max_lt                  ? 
_refine.ls_shift_over_su_mean                    ? 
_refine.ls_shift_over_su_mean_lt                 ? 
_refine.pdbx_ls_sigma_I                          ? 
_refine.pdbx_ls_sigma_F                          ? 
_refine.pdbx_ls_sigma_Fsqd                       ? 
_refine.pdbx_data_cutoff_high_absF               ? 
_refine.pdbx_data_cutoff_high_rms_absF           ? 
_refine.pdbx_data_cutoff_low_absF                ? 
_refine.pdbx_isotropic_thermal_model             ? 
_refine.pdbx_ls_cross_valid_method               THROUGHOUT 
_refine.pdbx_method_to_determine_struct          'MOLECULAR REPLACEMENT' 
_refine.pdbx_starting_model                      'PDB entry 434D' 
_refine.pdbx_stereochemistry_target_values       'MAXIMUM LIKELIHOOD' 
_refine.pdbx_R_Free_selection_details            RANDOM 
_refine.pdbx_stereochem_target_val_spec_case     ? 
_refine.pdbx_overall_ESU_R                       0.092 
_refine.pdbx_overall_ESU_R_Free                  0.090 
_refine.pdbx_solvent_vdw_probe_radii             1.20 
_refine.pdbx_solvent_ion_probe_radii             0.80 
_refine.pdbx_solvent_shrinkage_radii             0.80 
_refine.pdbx_real_space_R                        ? 
_refine.pdbx_density_correlation                 ? 
_refine.pdbx_pd_number_of_powder_patterns        ? 
_refine.pdbx_pd_number_of_points                 ? 
_refine.pdbx_pd_meas_number_of_points            ? 
_refine.pdbx_pd_proc_ls_prof_R_factor            ? 
_refine.pdbx_pd_proc_ls_prof_wR_factor           ? 
_refine.pdbx_pd_Marquardt_correlation_coeff      ? 
_refine.pdbx_pd_Fsqrd_R_factor                   ? 
_refine.pdbx_pd_ls_matrix_band_width             ? 
_refine.pdbx_overall_phase_error                 ? 
_refine.pdbx_overall_SU_R_free_Cruickshank_DPI   ? 
_refine.pdbx_overall_SU_R_free_Blow_DPI          ? 
_refine.pdbx_overall_SU_R_Blow_DPI               ? 
_refine.pdbx_TLS_residual_ADP_flag               ? 
_refine.pdbx_diffrn_id                           1 
_refine.overall_SU_B                             2.478 
_refine.overall_SU_ML                            0.049 
_refine.overall_SU_R_Cruickshank_DPI             ? 
_refine.overall_SU_R_free                        ? 
_refine.overall_FOM_free_R_set                   ? 
_refine.overall_FOM_work_R_set                   ? 
# 
_refine_hist.pdbx_refine_id                   'X-RAY DIFFRACTION' 
_refine_hist.cycle_id                         1 
_refine_hist.pdbx_number_atoms_protein        0 
_refine_hist.pdbx_number_atoms_nucleic_acid   290 
_refine_hist.pdbx_number_atoms_ligand         0 
_refine_hist.number_atoms_solvent             66 
_refine_hist.number_atoms_total               356 
_refine_hist.d_res_high                       1.55 
_refine_hist.d_res_low                        28.22 
# 
loop_
_refine_ls_restr.pdbx_refine_id 
_refine_ls_restr.criterion 
_refine_ls_restr.dev_ideal 
_refine_ls_restr.dev_ideal_target 
_refine_ls_restr.number 
_refine_ls_restr.rejects 
_refine_ls_restr.type 
_refine_ls_restr.weight 
_refine_ls_restr.pdbx_restraint_function 
'X-RAY DIFFRACTION' ? 0.006 0.012 322 ? r_bond_refined_d             ? ? 
'X-RAY DIFFRACTION' ? ?     ?     ?   ? r_bond_other_d               ? ? 
'X-RAY DIFFRACTION' ? 1.620 1.546 498 ? r_angle_refined_deg          ? ? 
'X-RAY DIFFRACTION' ? ?     ?     ?   ? r_angle_other_deg            ? ? 
'X-RAY DIFFRACTION' ? ?     ?     ?   ? r_dihedral_angle_1_deg       ? ? 
'X-RAY DIFFRACTION' ? ?     ?     ?   ? r_dihedral_angle_2_deg       ? ? 
'X-RAY DIFFRACTION' ? ?     ?     ?   ? r_dihedral_angle_3_deg       ? ? 
'X-RAY DIFFRACTION' ? ?     ?     ?   ? r_dihedral_angle_4_deg       ? ? 
'X-RAY DIFFRACTION' ? 0.091 0.200 56  ? r_chiral_restr               ? ? 
'X-RAY DIFFRACTION' ? 0.011 0.020 142 ? r_gen_planes_refined         ? ? 
'X-RAY DIFFRACTION' ? ?     ?     ?   ? r_gen_planes_other           ? ? 
'X-RAY DIFFRACTION' ? ?     ?     ?   ? r_nbd_refined                ? ? 
'X-RAY DIFFRACTION' ? ?     ?     ?   ? r_nbd_other                  ? ? 
'X-RAY DIFFRACTION' ? ?     ?     ?   ? r_nbtor_refined              ? ? 
'X-RAY DIFFRACTION' ? ?     ?     ?   ? r_nbtor_other                ? ? 
'X-RAY DIFFRACTION' ? ?     ?     ?   ? r_xyhbond_nbd_refined        ? ? 
'X-RAY DIFFRACTION' ? ?     ?     ?   ? r_xyhbond_nbd_other          ? ? 
'X-RAY DIFFRACTION' ? ?     ?     ?   ? r_metal_ion_refined          ? ? 
'X-RAY DIFFRACTION' ? ?     ?     ?   ? r_metal_ion_other            ? ? 
'X-RAY DIFFRACTION' ? ?     ?     ?   ? r_symmetry_vdw_refined       ? ? 
'X-RAY DIFFRACTION' ? ?     ?     ?   ? r_symmetry_vdw_other         ? ? 
'X-RAY DIFFRACTION' ? ?     ?     ?   ? r_symmetry_hbond_refined     ? ? 
'X-RAY DIFFRACTION' ? ?     ?     ?   ? r_symmetry_hbond_other       ? ? 
'X-RAY DIFFRACTION' ? ?     ?     ?   ? r_symmetry_metal_ion_refined ? ? 
'X-RAY DIFFRACTION' ? ?     ?     ?   ? r_symmetry_metal_ion_other   ? ? 
'X-RAY DIFFRACTION' ? ?     ?     ?   ? r_mcbond_it                  ? ? 
'X-RAY DIFFRACTION' ? ?     ?     ?   ? r_mcbond_other               ? ? 
'X-RAY DIFFRACTION' ? ?     ?     ?   ? r_mcangle_it                 ? ? 
'X-RAY DIFFRACTION' ? ?     ?     ?   ? r_mcangle_other              ? ? 
'X-RAY DIFFRACTION' ? ?     ?     ?   ? r_scbond_it                  ? ? 
'X-RAY DIFFRACTION' ? ?     ?     ?   ? r_scbond_other               ? ? 
'X-RAY DIFFRACTION' ? ?     ?     ?   ? r_scangle_it                 ? ? 
'X-RAY DIFFRACTION' ? ?     ?     ?   ? r_scangle_other              ? ? 
'X-RAY DIFFRACTION' ? ?     ?     ?   ? r_long_range_B_refined       ? ? 
'X-RAY DIFFRACTION' ? ?     ?     ?   ? r_long_range_B_other         ? ? 
'X-RAY DIFFRACTION' ? ?     ?     ?   ? r_rigid_bond_restr           ? ? 
'X-RAY DIFFRACTION' ? ?     ?     ?   ? r_sphericity_free            ? ? 
'X-RAY DIFFRACTION' ? ?     ?     ?   ? r_sphericity_bonded          ? ? 
# 
_refine_ls_shell.pdbx_refine_id                   'X-RAY DIFFRACTION' 
_refine_ls_shell.d_res_high                       1.550 
_refine_ls_shell.d_res_low                        1.591 
_refine_ls_shell.number_reflns_all                ? 
_refine_ls_shell.number_reflns_obs                ? 
_refine_ls_shell.number_reflns_R_free             16 
_refine_ls_shell.number_reflns_R_work             243 
_refine_ls_shell.percent_reflns_obs               66.75 
_refine_ls_shell.percent_reflns_R_free            ? 
_refine_ls_shell.R_factor_all                     ? 
_refine_ls_shell.R_factor_obs                     ? 
_refine_ls_shell.R_factor_R_free                  0.222 
_refine_ls_shell.R_factor_R_free_error            ? 
_refine_ls_shell.R_factor_R_work                  0.144 
_refine_ls_shell.redundancy_reflns_all            ? 
_refine_ls_shell.redundancy_reflns_obs            ? 
_refine_ls_shell.wR_factor_all                    ? 
_refine_ls_shell.wR_factor_obs                    ? 
_refine_ls_shell.wR_factor_R_free                 ? 
_refine_ls_shell.wR_factor_R_work                 ? 
_refine_ls_shell.pdbx_total_number_of_bins_used   ? 
_refine_ls_shell.pdbx_phase_error                 ? 
# 
_struct.entry_id                     4U35 
_struct.title                        'Crystal Structures of RNA Duplexes Containing 2-thio-Uridine' 
_struct.pdbx_model_details           ? 
_struct.pdbx_formula_weight          ? 
_struct.pdbx_formula_weight_method   ? 
_struct.pdbx_model_type_details      ? 
_struct.pdbx_CASP_flag               ? 
# 
_struct_keywords.entry_id        4U35 
_struct_keywords.text            'RNA, 2-thio-uridine' 
_struct_keywords.pdbx_keywords   RNA 
# 
loop_
_struct_asym.id 
_struct_asym.pdbx_blank_PDB_chainid_flag 
_struct_asym.pdbx_modified 
_struct_asym.entity_id 
_struct_asym.details 
A N N 1 ? 
B N N 2 ? 
C N N 3 ? 
D N N 3 ? 
# 
loop_
_struct_conn.id 
_struct_conn.conn_type_id 
_struct_conn.pdbx_leaving_atom_flag 
_struct_conn.pdbx_PDB_id 
_struct_conn.ptnr1_label_asym_id 
_struct_conn.ptnr1_label_comp_id 
_struct_conn.ptnr1_label_seq_id 
_struct_conn.ptnr1_label_atom_id 
_struct_conn.pdbx_ptnr1_label_alt_id 
_struct_conn.pdbx_ptnr1_PDB_ins_code 
_struct_conn.pdbx_ptnr1_standard_comp_id 
_struct_conn.ptnr1_symmetry 
_struct_conn.ptnr2_label_asym_id 
_struct_conn.ptnr2_label_comp_id 
_struct_conn.ptnr2_label_seq_id 
_struct_conn.ptnr2_label_atom_id 
_struct_conn.pdbx_ptnr2_label_alt_id 
_struct_conn.pdbx_ptnr2_PDB_ins_code 
_struct_conn.ptnr1_auth_asym_id 
_struct_conn.ptnr1_auth_comp_id 
_struct_conn.ptnr1_auth_seq_id 
_struct_conn.ptnr2_auth_asym_id 
_struct_conn.ptnr2_auth_comp_id 
_struct_conn.ptnr2_auth_seq_id 
_struct_conn.ptnr2_symmetry 
_struct_conn.pdbx_ptnr3_label_atom_id 
_struct_conn.pdbx_ptnr3_label_seq_id 
_struct_conn.pdbx_ptnr3_label_comp_id 
_struct_conn.pdbx_ptnr3_label_asym_id 
_struct_conn.pdbx_ptnr3_label_alt_id 
_struct_conn.pdbx_ptnr3_PDB_ins_code 
_struct_conn.details 
_struct_conn.pdbx_dist_value 
_struct_conn.pdbx_value_order 
_struct_conn.pdbx_role 
covale1  covale both ? A C   4 "O3'" ? ? ? 1_555 A SUR 5 P  ? ? A C   4 A SUR 5  1_555 ? ? ? ? ? ? ?               1.603 ? ? 
covale2  covale both ? A SUR 5 "O3'" ? ? ? 1_555 A C   6 P  ? ? A SUR 5 A C   6  1_555 ? ? ? ? ? ? ?               1.616 ? ? 
hydrog1  hydrog ?    ? A U   1 N3    ? ? ? 1_555 B A   7 N1 ? ? A U   1 B A   14 1_555 ? ? ? ? ? ? WATSON-CRICK    ?     ? ? 
hydrog2  hydrog ?    ? A U   1 O4    ? ? ? 1_555 B A   7 N6 ? ? A U   1 B A   14 1_555 ? ? ? ? ? ? WATSON-CRICK    ?     ? ? 
hydrog3  hydrog ?    ? A A   2 N1    ? ? ? 1_555 B U   6 N3 ? ? A A   2 B U   13 1_555 ? ? ? ? ? ? WATSON-CRICK    ?     ? ? 
hydrog4  hydrog ?    ? A A   2 N6    ? ? ? 1_555 B U   6 O4 ? ? A A   2 B U   13 1_555 ? ? ? ? ? ? WATSON-CRICK    ?     ? ? 
hydrog5  hydrog ?    ? A G   3 N1    ? ? ? 1_555 B C   5 N3 ? ? A G   3 B C   12 1_555 ? ? ? ? ? ? WATSON-CRICK    ?     ? ? 
hydrog6  hydrog ?    ? A G   3 N2    ? ? ? 1_555 B C   5 O2 ? ? A G   3 B C   12 1_555 ? ? ? ? ? ? WATSON-CRICK    ?     ? ? 
hydrog7  hydrog ?    ? A G   3 O6    ? ? ? 1_555 B C   5 N4 ? ? A G   3 B C   12 1_555 ? ? ? ? ? ? WATSON-CRICK    ?     ? ? 
hydrog8  hydrog ?    ? A C   4 N3    ? ? ? 1_555 B G   4 N1 ? ? A C   4 B G   11 1_555 ? ? ? ? ? ? WATSON-CRICK    ?     ? ? 
hydrog9  hydrog ?    ? A C   4 N4    ? ? ? 1_555 B G   4 O6 ? ? A C   4 B G   11 1_555 ? ? ? ? ? ? WATSON-CRICK    ?     ? ? 
hydrog10 hydrog ?    ? A C   4 O2    ? ? ? 1_555 B G   4 N2 ? ? A C   4 B G   11 1_555 ? ? ? ? ? ? WATSON-CRICK    ?     ? ? 
hydrog11 hydrog ?    ? A SUR 5 N3    ? ? ? 1_555 B U   3 O4 ? ? A SUR 5 B U   10 1_555 ? ? ? ? ? ? 'SUR-U MISPAIR' ?     ? ? 
hydrog12 hydrog ?    ? A C   6 N3    ? ? ? 1_555 B G   2 N1 ? ? A C   6 B G   9  1_555 ? ? ? ? ? ? WATSON-CRICK    ?     ? ? 
hydrog13 hydrog ?    ? A C   6 N4    ? ? ? 1_555 B G   2 O6 ? ? A C   6 B G   9  1_555 ? ? ? ? ? ? WATSON-CRICK    ?     ? ? 
hydrog14 hydrog ?    ? A C   6 O2    ? ? ? 1_555 B G   2 N2 ? ? A C   6 B G   9  1_555 ? ? ? ? ? ? WATSON-CRICK    ?     ? ? 
hydrog15 hydrog ?    ? A C   7 N3    ? ? ? 1_555 B G   1 N1 ? ? A C   7 B G   8  1_555 ? ? ? ? ? ? WATSON-CRICK    ?     ? ? 
hydrog16 hydrog ?    ? A C   7 N4    ? ? ? 1_555 B G   1 O6 ? ? A C   7 B G   8  1_555 ? ? ? ? ? ? WATSON-CRICK    ?     ? ? 
hydrog17 hydrog ?    ? A C   7 O2    ? ? ? 1_555 B G   1 N2 ? ? A C   7 B G   8  1_555 ? ? ? ? ? ? WATSON-CRICK    ?     ? ? 
# 
loop_
_struct_conn_type.id 
_struct_conn_type.criteria 
_struct_conn_type.reference 
covale ? ? 
hydrog ? ? 
# 
_atom_sites.entry_id                    4U35 
_atom_sites.fract_transf_matrix[1][1]   0.03749469 
_atom_sites.fract_transf_matrix[1][2]   0.00816447 
_atom_sites.fract_transf_matrix[1][3]   -0.02558947 
_atom_sites.fract_transf_matrix[2][1]   -0.00254995 
_atom_sites.fract_transf_matrix[2][2]   0.02785615 
_atom_sites.fract_transf_matrix[2][3]   0.00515138 
_atom_sites.fract_transf_matrix[3][1]   0.01216442 
_atom_sites.fract_transf_matrix[3][2]   -0.00206098 
_atom_sites.fract_transf_matrix[3][3]   0.01716621 
_atom_sites.fract_transf_vector[1]      -0.133547 
_atom_sites.fract_transf_vector[2]      -0.086273 
_atom_sites.fract_transf_vector[3]      0.143661 
# 
loop_
_atom_type.symbol 
C 
N 
O 
P 
S 
# 
loop_
_atom_site.group_PDB 
_atom_site.id 
_atom_site.type_symbol 
_atom_site.label_atom_id 
_atom_site.label_alt_id 
_atom_site.label_comp_id 
_atom_site.label_asym_id 
_atom_site.label_entity_id 
_atom_site.label_seq_id 
_atom_site.pdbx_PDB_ins_code 
_atom_site.Cartn_x 
_atom_site.Cartn_y 
_atom_site.Cartn_z 
_atom_site.occupancy 
_atom_site.B_iso_or_equiv 
_atom_site.pdbx_formal_charge 
_atom_site.auth_seq_id 
_atom_site.auth_comp_id 
_atom_site.auth_asym_id 
_atom_site.auth_atom_id 
_atom_site.pdbx_PDB_model_num 
ATOM   1   O "O5'" . U   A 1 1 ? 7.624   4.172   7.905   1.00 26.46 ? 1   U   A "O5'" 1 
ATOM   2   C "C5'" . U   A 1 1 ? 7.751   4.005   9.323   1.00 25.29 ? 1   U   A "C5'" 1 
ATOM   3   C "C4'" . U   A 1 1 ? 6.414   4.176   9.994   1.00 25.33 ? 1   U   A "C4'" 1 
ATOM   4   O "O4'" . U   A 1 1 ? 5.911   5.536   9.817   1.00 25.27 ? 1   U   A "O4'" 1 
ATOM   5   C "C3'" . U   A 1 1 ? 5.286   3.312   9.456   1.00 25.79 ? 1   U   A "C3'" 1 
ATOM   6   O "O3'" . U   A 1 1 ? 5.400   1.965   9.890   1.00 27.68 ? 1   U   A "O3'" 1 
ATOM   7   C "C2'" . U   A 1 1 ? 4.078   4.060   9.995   1.00 24.86 ? 1   U   A "C2'" 1 
ATOM   8   O "O2'" . U   A 1 1 ? 3.907   3.987   11.399  1.00 25.11 ? 1   U   A "O2'" 1 
ATOM   9   C "C1'" . U   A 1 1 ? 4.489   5.501   9.690   1.00 24.76 ? 1   U   A "C1'" 1 
ATOM   10  N N1    . U   A 1 1 ? 4.113   5.925   8.329   1.00 24.19 ? 1   U   A N1    1 
ATOM   11  C C2    . U   A 1 1 ? 2.784   6.253   8.110   1.00 23.51 ? 1   U   A C2    1 
ATOM   12  O O2    . U   A 1 1 ? 1.936   6.193   8.983   1.00 23.51 ? 1   U   A O2    1 
ATOM   13  N N3    . U   A 1 1 ? 2.487   6.637   6.828   1.00 23.08 ? 1   U   A N3    1 
ATOM   14  C C4    . U   A 1 1 ? 3.353   6.731   5.761   1.00 24.07 ? 1   U   A C4    1 
ATOM   15  O O4    . U   A 1 1 ? 2.928   7.102   4.664   1.00 25.20 ? 1   U   A O4    1 
ATOM   16  C C5    . U   A 1 1 ? 4.709   6.374   6.063   1.00 24.01 ? 1   U   A C5    1 
ATOM   17  C C6    . U   A 1 1 ? 5.031   5.984   7.303   1.00 24.54 ? 1   U   A C6    1 
ATOM   18  P P     . A   A 1 2 ? 4.897   0.717   9.002   1.00 26.78 ? 2   A   A P     1 
ATOM   19  O OP1   . A   A 1 2 ? 5.352   -0.495  9.736   1.00 30.09 ? 2   A   A OP1   1 
ATOM   20  O OP2   . A   A 1 2 ? 5.183   0.834   7.554   1.00 26.04 ? 2   A   A OP2   1 
ATOM   21  O "O5'" . A   A 1 2 ? 3.322   0.855   9.203   1.00 25.58 ? 2   A   A "O5'" 1 
ATOM   22  C "C5'" . A   A 1 2 ? 2.731   0.782   10.517  1.00 24.29 ? 2   A   A "C5'" 1 
ATOM   23  C "C4'" . A   A 1 2 ? 1.263   1.119   10.444  1.00 22.87 ? 2   A   A "C4'" 1 
ATOM   24  O "O4'" . A   A 1 2 ? 1.113   2.503   10.035  1.00 23.24 ? 2   A   A "O4'" 1 
ATOM   25  C "C3'" . A   A 1 2 ? 0.448   0.347   9.413   1.00 21.39 ? 2   A   A "C3'" 1 
ATOM   26  O "O3'" . A   A 1 2 ? 0.105   -0.952  9.878   1.00 20.66 ? 2   A   A "O3'" 1 
ATOM   27  C "C2'" . A   A 1 2 ? -0.731  1.287   9.209   1.00 21.31 ? 2   A   A "C2'" 1 
ATOM   28  O "O2'" . A   A 1 2 ? -1.603  1.301   10.320  1.00 21.92 ? 2   A   A "O2'" 1 
ATOM   29  C "C1'" . A   A 1 2 ? -0.012  2.636   9.187   1.00 21.77 ? 2   A   A "C1'" 1 
ATOM   30  N N9    . A   A 1 2 ? 0.448   3.049   7.859   1.00 20.68 ? 2   A   A N9    1 
ATOM   31  C C8    . A   A 1 2 ? 1.704   2.961   7.310   1.00 20.93 ? 2   A   A C8    1 
ATOM   32  N N7    . A   A 1 2 ? 1.780   3.426   6.086   1.00 20.96 ? 2   A   A N7    1 
ATOM   33  C C5    . A   A 1 2 ? 0.488   3.859   5.813   1.00 20.73 ? 2   A   A C5    1 
ATOM   34  C C6    . A   A 1 2 ? -0.091  4.452   4.678   1.00 20.86 ? 2   A   A C6    1 
ATOM   35  N N6    . A   A 1 2 ? 0.586   4.740   3.564   1.00 21.18 ? 2   A   A N6    1 
ATOM   36  N N1    . A   A 1 2 ? -1.412  4.739   4.727   1.00 20.43 ? 2   A   A N1    1 
ATOM   37  C C2    . A   A 1 2 ? -2.094  4.446   5.843   1.00 20.42 ? 2   A   A C2    1 
ATOM   38  N N3    . A   A 1 2 ? -1.662  3.888   6.971   1.00 20.17 ? 2   A   A N3    1 
ATOM   39  C C4    . A   A 1 2 ? -0.347  3.617   6.891   1.00 20.76 ? 2   A   A C4    1 
ATOM   40  P P     . G   A 1 3 ? -0.241  -2.080  8.830   1.00 20.46 ? 3   G   A P     1 
ATOM   41  O OP1   . G   A 1 3 ? -0.311  -3.303  9.687   1.00 21.57 ? 3   G   A OP1   1 
ATOM   42  O OP2   . G   A 1 3 ? 0.638   -2.045  7.633   1.00 21.33 ? 3   G   A OP2   1 
ATOM   43  O "O5'" . G   A 1 3 ? -1.707  -1.713  8.321   1.00 19.10 ? 3   G   A "O5'" 1 
ATOM   44  C "C5'" . G   A 1 3 ? -2.819  -1.667  9.239   1.00 18.52 ? 3   G   A "C5'" 1 
ATOM   45  C "C4'" . G   A 1 3 ? -4.070  -1.308  8.476   1.00 18.42 ? 3   G   A "C4'" 1 
ATOM   46  O "O4'" . G   A 1 3 ? -3.971  0.077   8.034   1.00 18.96 ? 3   G   A "O4'" 1 
ATOM   47  C "C3'" . G   A 1 3 ? -4.318  -2.095  7.196   1.00 17.55 ? 3   G   A "C3'" 1 
ATOM   48  O "O3'" . G   A 1 3 ? -4.959  -3.350  7.452   1.00 16.46 ? 3   G   A "O3'" 1 
ATOM   49  C "C2'" . G   A 1 3 ? -5.202  -1.129  6.417   1.00 18.02 ? 3   G   A "C2'" 1 
ATOM   50  O "O2'" . G   A 1 3 ? -6.536  -1.077  6.906   1.00 18.58 ? 3   G   A "O2'" 1 
ATOM   51  C "C1'" . G   A 1 3 ? -4.532  0.207   6.743   1.00 17.90 ? 3   G   A "C1'" 1 
ATOM   52  N N9    . G   A 1 3 ? -3.468  0.618   5.828   1.00 17.81 ? 3   G   A N9    1 
ATOM   53  C C8    . G   A 1 3 ? -2.115  0.497   6.026   1.00 18.68 ? 3   G   A C8    1 
ATOM   54  N N7    . G   A 1 3 ? -1.406  0.959   5.031   1.00 17.90 ? 3   G   A N7    1 
ATOM   55  C C5    . G   A 1 3 ? -2.348  1.434   4.131   1.00 17.58 ? 3   G   A C5    1 
ATOM   56  C C6    . G   A 1 3 ? -2.179  2.077   2.875   1.00 17.44 ? 3   G   A C6    1 
ATOM   57  O O6    . G   A 1 3 ? -1.129  2.366   2.296   1.00 17.75 ? 3   G   A O6    1 
ATOM   58  N N1    . G   A 1 3 ? -3.401  2.399   2.296   1.00 17.37 ? 3   G   A N1    1 
ATOM   59  C C2    . G   A 1 3 ? -4.630  2.150   2.856   1.00 17.22 ? 3   G   A C2    1 
ATOM   60  N N2    . G   A 1 3 ? -5.694  2.517   2.131   1.00 18.04 ? 3   G   A N2    1 
ATOM   61  N N3    . G   A 1 3 ? -4.802  1.576   4.037   1.00 17.36 ? 3   G   A N3    1 
ATOM   62  C C4    . G   A 1 3 ? -3.627  1.240   4.611   1.00 17.54 ? 3   G   A C4    1 
ATOM   63  P P     . C   A 1 4 ? -4.570  -4.648  6.607   1.00 16.23 ? 4   C   A P     1 
ATOM   64  O OP1   . C   A 1 4 ? -5.255  -5.757  7.349   1.00 16.62 ? 4   C   A OP1   1 
ATOM   65  O OP2   . C   A 1 4 ? -3.115  -4.674  6.351   1.00 16.64 ? 4   C   A OP2   1 
ATOM   66  O "O5'" . C   A 1 4 ? -5.260  -4.335  5.212   1.00 17.27 ? 4   C   A "O5'" 1 
ATOM   67  C "C5'" . C   A 1 4 ? -6.695  -4.394  5.098   1.00 16.24 ? 4   C   A "C5'" 1 
ATOM   68  C "C4'" . C   A 1 4 ? -7.142  -3.818  3.779   1.00 16.44 ? 4   C   A "C4'" 1 
ATOM   69  O "O4'" . C   A 1 4 ? -6.708  -2.430  3.680   1.00 16.23 ? 4   C   A "O4'" 1 
ATOM   70  C "C3'" . C   A 1 4 ? -6.538  -4.443  2.532   1.00 16.19 ? 4   C   A "C3'" 1 
ATOM   71  O "O3'" . C   A 1 4 ? -7.115  -5.695  2.196   1.00 16.49 ? 4   C   A "O3'" 1 
ATOM   72  C "C2'" . C   A 1 4 ? -6.841  -3.360  1.508   1.00 15.83 ? 4   C   A "C2'" 1 
ATOM   73  O "O2'" . C   A 1 4 ? -8.220  -3.367  1.193   1.00 15.87 ? 4   C   A "O2'" 1 
ATOM   74  C "C1'" . C   A 1 4 ? -6.483  -2.106  2.310   1.00 16.25 ? 4   C   A "C1'" 1 
ATOM   75  N N1    . C   A 1 4 ? -5.063  -1.743  2.141   1.00 15.26 ? 4   C   A N1    1 
ATOM   76  C C2    . C   A 1 4 ? -4.692  -1.067  0.977   1.00 14.99 ? 4   C   A C2    1 
ATOM   77  O O2    . C   A 1 4 ? -5.572  -0.766  0.155   1.00 15.31 ? 4   C   A O2    1 
ATOM   78  N N3    . C   A 1 4 ? -3.396  -0.727  0.794   1.00 14.76 ? 4   C   A N3    1 
ATOM   79  C C4    . C   A 1 4 ? -2.477  -1.091  1.691   1.00 15.49 ? 4   C   A C4    1 
ATOM   80  N N4    . C   A 1 4 ? -1.203  -0.746  1.459   1.00 15.37 ? 4   C   A N4    1 
ATOM   81  C C5    . C   A 1 4 ? -2.823  -1.802  2.880   1.00 15.50 ? 4   C   A C5    1 
ATOM   82  C C6    . C   A 1 4 ? -4.116  -2.111  3.059   1.00 15.25 ? 4   C   A C6    1 
HETATM 83  P P     . SUR A 1 5 ? -6.259  -6.850  1.487   1.00 16.53 ? 5   SUR A P     1 
HETATM 84  O OP1   . SUR A 1 5 ? -4.966  -7.098  2.183   1.00 17.09 ? 5   SUR A OP1   1 
HETATM 85  O OP2   . SUR A 1 5 ? -7.210  -7.986  1.264   1.00 17.45 ? 5   SUR A OP2   1 
HETATM 86  O "O5'" . SUR A 1 5 ? -5.859  -6.202  0.057   1.00 16.02 ? 5   SUR A "O5'" 1 
HETATM 87  C "C5'" . SUR A 1 5 ? -6.861  -5.989  -0.936  1.00 16.44 ? 5   SUR A "C5'" 1 
HETATM 88  C "C4'" . SUR A 1 5 ? -6.287  -5.237  -2.119  1.00 15.74 ? 5   SUR A "C4'" 1 
HETATM 89  O "O4'" . SUR A 1 5 ? -5.705  -3.980  -1.751  1.00 15.81 ? 5   SUR A "O4'" 1 
HETATM 90  C "C3'" . SUR A 1 5 ? -5.131  -5.978  -2.751  1.00 15.81 ? 5   SUR A "C3'" 1 
HETATM 91  C "C1'" . SUR A 1 5 ? -4.558  -3.683  -2.554  1.00 15.46 ? 5   SUR A "C1'" 1 
HETATM 92  N N1    . SUR A 1 5 ? -3.350  -3.651  -1.721  1.00 15.32 ? 5   SUR A N1    1 
HETATM 93  C "C2'" . SUR A 1 5 ? -4.503  -4.843  -3.538  1.00 15.88 ? 5   SUR A "C2'" 1 
HETATM 94  C C6    . SUR A 1 5 ? -3.346  -4.184  -0.461  1.00 14.59 ? 5   SUR A C6    1 
HETATM 95  C C2    . SUR A 1 5 ? -2.161  -3.092  -2.229  1.00 15.92 ? 5   SUR A C2    1 
HETATM 96  C C5    . SUR A 1 5 ? -2.212  -4.172  0.342   1.00 15.14 ? 5   SUR A C5    1 
HETATM 97  S S2    . SUR A 1 5 ? -2.118  -2.489  -3.729  1.00 15.94 ? 5   SUR A S2    1 
HETATM 98  N N3    . SUR A 1 5 ? -1.068  -3.075  -1.447  1.00 16.55 ? 5   SUR A N3    1 
HETATM 99  C C4    . SUR A 1 5 ? -1.067  -3.602  -0.202  1.00 15.53 ? 5   SUR A C4    1 
HETATM 100 O O4    . SUR A 1 5 ? -0.019  -3.534  0.486   1.00 16.56 ? 5   SUR A O4    1 
HETATM 101 O "O2'" . SUR A 1 5 ? -5.341  -4.488  -4.644  1.00 17.14 ? 5   SUR A "O2'" 1 
HETATM 102 O "O3'" . SUR A 1 5 ? -5.667  -7.025  -3.555  1.00 16.73 ? 5   SUR A "O3'" 1 
ATOM   103 P P     . C   A 1 6 ? -4.921  -8.450  -3.713  1.00 17.45 ? 6   C   A P     1 
ATOM   104 O OP1   . C   A 1 6 ? -5.943  -9.446  -4.084  1.00 17.63 ? 6   C   A OP1   1 
ATOM   105 O OP2   . C   A 1 6 ? -4.077  -8.684  -2.525  1.00 16.66 ? 6   C   A OP2   1 
ATOM   106 O "O5'" . C   A 1 6 ? -3.931  -8.283  -4.951  1.00 16.47 ? 6   C   A "O5'" 1 
ATOM   107 C "C5'" . C   A 1 6 ? -4.386  -7.897  -6.257  1.00 16.40 ? 6   C   A "C5'" 1 
ATOM   108 C "C4'" . C   A 1 6 ? -3.364  -6.977  -6.898  1.00 16.26 ? 6   C   A "C4'" 1 
ATOM   109 O "O4'" . C   A 1 6 ? -3.016  -5.926  -5.970  1.00 15.57 ? 6   C   A "O4'" 1 
ATOM   110 C "C3'" . C   A 1 6 ? -2.025  -7.610  -7.234  1.00 16.07 ? 6   C   A "C3'" 1 
ATOM   111 O "O3'" . C   A 1 6 ? -2.117  -8.241  -8.502  1.00 16.47 ? 6   C   A "O3'" 1 
ATOM   112 C "C2'" . C   A 1 6 ? -1.103  -6.400  -7.295  1.00 15.76 ? 6   C   A "C2'" 1 
ATOM   113 O "O2'" . C   A 1 6 ? -1.271  -5.647  -8.482  1.00 16.75 ? 6   C   A "O2'" 1 
ATOM   114 C "C1'" . C   A 1 6 ? -1.654  -5.558  -6.153  1.00 15.89 ? 6   C   A "C1'" 1 
ATOM   115 N N1    . C   A 1 6 ? -0.938  -5.703  -4.869  1.00 14.89 ? 6   C   A N1    1 
ATOM   116 C C2    . C   A 1 6 ? 0.236   -4.962  -4.674  1.00 15.11 ? 6   C   A C2    1 
ATOM   117 O O2    . C   A 1 6 ? 0.651   -4.241  -5.592  1.00 14.96 ? 6   C   A O2    1 
ATOM   118 N N3    . C   A 1 6 ? 0.879   -5.042  -3.487  1.00 15.29 ? 6   C   A N3    1 
ATOM   119 C C4    . C   A 1 6 ? 0.397   -5.823  -2.517  1.00 14.79 ? 6   C   A C4    1 
ATOM   120 N N4    . C   A 1 6 ? 1.074   -5.869  -1.361  1.00 14.89 ? 6   C   A N4    1 
ATOM   121 C C5    . C   A 1 6 ? -0.788  -6.602  -2.692  1.00 14.52 ? 6   C   A C5    1 
ATOM   122 C C6    . C   A 1 6 ? -1.419  -6.510  -3.872  1.00 14.94 ? 6   C   A C6    1 
ATOM   123 P P     . C   A 1 7 ? -1.148  -9.385  -8.924  1.00 17.09 ? 7   C   A P     1 
ATOM   124 O OP1   . C   A 1 7 ? -1.548  -9.745  -10.295 1.00 17.59 ? 7   C   A OP1   1 
ATOM   125 O OP2   . C   A 1 7 ? -1.057  -10.407 -7.851  1.00 17.48 ? 7   C   A OP2   1 
ATOM   126 O "O5'" . C   A 1 7 ? 0.305   -8.731  -8.968  1.00 16.62 ? 7   C   A "O5'" 1 
ATOM   127 C "C5'" . C   A 1 7 ? 0.686   -7.936  -10.111 1.00 16.65 ? 7   C   A "C5'" 1 
ATOM   128 C "C4'" . C   A 1 7 ? 2.125   -7.502  -9.975  1.00 16.80 ? 7   C   A "C4'" 1 
ATOM   129 O "O4'" . C   A 1 7 ? 2.253   -6.627  -8.825  1.00 16.16 ? 7   C   A "O4'" 1 
ATOM   130 C "C3'" . C   A 1 7 ? 3.138   -8.601  -9.694  1.00 17.10 ? 7   C   A "C3'" 1 
ATOM   131 O "O3'" . C   A 1 7 ? 3.509   -9.287  -10.882 1.00 18.03 ? 7   C   A "O3'" 1 
ATOM   132 C "C2'" . C   A 1 7 ? 4.301   -7.799  -9.121  1.00 16.93 ? 7   C   A "C2'" 1 
ATOM   133 O "O2'" . C   A 1 7 ? 4.989   -7.084  -10.125 1.00 18.29 ? 7   C   A "O2'" 1 
ATOM   134 C "C1'" . C   A 1 7 ? 3.564   -6.737  -8.304  1.00 16.66 ? 7   C   A "C1'" 1 
ATOM   135 N N1    . C   A 1 7 ? 3.473   -7.012  -6.858  1.00 16.64 ? 7   C   A N1    1 
ATOM   136 C C2    . C   A 1 7 ? 4.551   -6.637  -6.048  1.00 16.32 ? 7   C   A C2    1 
ATOM   137 O O2    . C   A 1 7 ? 5.546   -6.123  -6.576  1.00 16.07 ? 7   C   A O2    1 
ATOM   138 N N3    . C   A 1 7 ? 4.477   -6.833  -4.714  1.00 16.63 ? 7   C   A N3    1 
ATOM   139 C C4    . C   A 1 7 ? 3.399   -7.413  -4.183  1.00 16.31 ? 7   C   A C4    1 
ATOM   140 N N4    . C   A 1 7 ? 3.383   -7.599  -2.859  1.00 16.51 ? 7   C   A N4    1 
ATOM   141 C C5    . C   A 1 7 ? 2.287   -7.821  -4.984  1.00 16.09 ? 7   C   A C5    1 
ATOM   142 C C6    . C   A 1 7 ? 2.368   -7.605  -6.307  1.00 15.99 ? 7   C   A C6    1 
ATOM   143 O "O5'" . G   B 2 1 ? 10.838  -3.765  2.611   1.00 23.01 ? 8   G   B "O5'" 1 
ATOM   144 C "C5'" . G   B 2 1 ? 12.105  -3.266  2.146   1.00 19.21 ? 8   G   B "C5'" 1 
ATOM   145 C "C4'" . G   B 2 1 ? 12.113  -3.103  0.635   1.00 18.00 ? 8   G   B "C4'" 1 
ATOM   146 O "O4'" . G   B 2 1 ? 11.947  -4.392  -0.013  1.00 17.67 ? 8   G   B "O4'" 1 
ATOM   147 C "C3'" . G   B 2 1 ? 11.022  -2.243  0.012   1.00 17.10 ? 8   G   B "C3'" 1 
ATOM   148 O "O3'" . G   B 2 1 ? 11.353  -0.860  0.096   1.00 17.62 ? 8   G   B "O3'" 1 
ATOM   149 C "C2'" . G   B 2 1 ? 11.049  -2.743  -1.424  1.00 16.59 ? 8   G   B "C2'" 1 
ATOM   150 O "O2'" . G   B 2 1 ? 12.227  -2.303  -2.072  1.00 15.86 ? 8   G   B "O2'" 1 
ATOM   151 C "C1'" . G   B 2 1 ? 11.173  -4.247  -1.194  1.00 17.37 ? 8   G   B "C1'" 1 
ATOM   152 N N9    . G   B 2 1 ? 9.873   -4.865  -0.960  1.00 16.80 ? 8   G   B N9    1 
ATOM   153 C C8    . G   B 2 1 ? 9.356   -5.254  0.253   1.00 16.63 ? 8   G   B C8    1 
ATOM   154 N N7    . G   B 2 1 ? 8.162   -5.771  0.159   1.00 17.64 ? 8   G   B N7    1 
ATOM   155 C C5    . G   B 2 1 ? 7.877   -5.739  -1.199  1.00 16.93 ? 8   G   B C5    1 
ATOM   156 C C6    . G   B 2 1 ? 6.727   -6.169  -1.905  1.00 16.72 ? 8   G   B C6    1 
ATOM   157 O O6    . G   B 2 1 ? 5.693   -6.671  -1.454  1.00 18.30 ? 8   G   B O6    1 
ATOM   158 N N1    . G   B 2 1 ? 6.862   -5.973  -3.276  1.00 16.34 ? 8   G   B N1    1 
ATOM   159 C C2    . G   B 2 1 ? 7.951   -5.403  -3.889  1.00 15.86 ? 8   G   B C2    1 
ATOM   160 N N2    . G   B 2 1 ? 7.883   -5.286  -5.228  1.00 15.78 ? 8   G   B N2    1 
ATOM   161 N N3    . G   B 2 1 ? 9.037   -5.008  -3.243  1.00 16.37 ? 8   G   B N3    1 
ATOM   162 C C4    . G   B 2 1 ? 8.930   -5.200  -1.908  1.00 16.97 ? 8   G   B C4    1 
ATOM   163 P P     . G   B 2 2 ? 10.190  0.212   0.283   1.00 20.11 ? 9   G   B P     1 
ATOM   164 O OP1   . G   B 2 2 ? 10.883  1.514   0.490   1.00 21.31 ? 9   G   B OP1   1 
ATOM   165 O OP2   . G   B 2 2 ? 9.174   -0.238  1.280   1.00 21.44 ? 9   G   B OP2   1 
ATOM   166 O "O5'" . G   B 2 2 ? 9.448   0.203   -1.128  1.00 19.44 ? 9   G   B "O5'" 1 
ATOM   167 C "C5'" . G   B 2 2 ? 10.129  0.654   -2.312  1.00 18.62 ? 9   G   B "C5'" 1 
ATOM   168 C "C4'" . G   B 2 2 ? 9.379   0.180   -3.523  1.00 17.24 ? 9   G   B "C4'" 1 
ATOM   169 O "O4'" . G   B 2 2 ? 9.179   -1.260  -3.457  1.00 16.11 ? 9   G   B "O4'" 1 
ATOM   170 C "C3'" . G   B 2 2 ? 7.962   0.701   -3.664  1.00 16.96 ? 9   G   B "C3'" 1 
ATOM   171 O "O3'" . G   B 2 2 ? 7.989   2.022   -4.157  1.00 18.02 ? 9   G   B "O3'" 1 
ATOM   172 C "C2'" . G   B 2 2 ? 7.398   -0.297  -4.664  1.00 16.18 ? 9   G   B "C2'" 1 
ATOM   173 O "O2'" . G   B 2 2 ? 7.879   -0.124  -5.981  1.00 16.18 ? 9   G   B "O2'" 1 
ATOM   174 C "C1'" . G   B 2 2 ? 7.955   -1.600  -4.096  1.00 15.59 ? 9   G   B "C1'" 1 
ATOM   175 N N9    . G   B 2 2 ? 7.044   -2.154  -3.103  1.00 14.86 ? 9   G   B N9    1 
ATOM   176 C C8    . G   B 2 2 ? 7.184   -2.174  -1.737  1.00 13.96 ? 9   G   B C8    1 
ATOM   177 N N7    . G   B 2 2 ? 6.158   -2.702  -1.124  1.00 14.54 ? 9   G   B N7    1 
ATOM   178 C C5    . G   B 2 2 ? 5.288   -3.052  -2.150  1.00 13.97 ? 9   G   B C5    1 
ATOM   179 C C6    . G   B 2 2 ? 4.002   -3.655  -2.103  1.00 14.01 ? 9   G   B C6    1 
ATOM   180 O O6    . G   B 2 2 ? 3.371   -4.059  -1.116  1.00 15.31 ? 9   G   B O6    1 
ATOM   181 N N1    . G   B 2 2 ? 3.466   -3.816  -3.378  1.00 14.29 ? 9   G   B N1    1 
ATOM   182 C C2    . G   B 2 2 ? 4.086   -3.452  -4.547  1.00 14.23 ? 9   G   B C2    1 
ATOM   183 N N2    . G   B 2 2 ? 3.393   -3.664  -5.674  1.00 14.72 ? 9   G   B N2    1 
ATOM   184 N N3    . G   B 2 2 ? 5.277   -2.873  -4.604  1.00 14.29 ? 9   G   B N3    1 
ATOM   185 C C4    . G   B 2 2 ? 5.818   -2.714  -3.377  1.00 14.25 ? 9   G   B C4    1 
ATOM   186 P P     . U   B 2 3 ? 6.737   2.971   -4.030  1.00 20.26 ? 10  U   B P     1 
ATOM   187 O OP1   . U   B 2 3 ? 7.238   4.259   -4.561  1.00 21.92 ? 10  U   B OP1   1 
ATOM   188 O OP2   . U   B 2 3 ? 6.161   2.885   -2.674  1.00 20.88 ? 10  U   B OP2   1 
ATOM   189 O "O5'" . U   B 2 3 ? 5.652   2.358   -5.012  1.00 18.24 ? 10  U   B "O5'" 1 
ATOM   190 C "C5'" . U   B 2 3 ? 5.915   2.379   -6.417  1.00 18.35 ? 10  U   B "C5'" 1 
ATOM   191 C "C4'" . U   B 2 3 ? 4.738   1.833   -7.178  1.00 17.36 ? 10  U   B "C4'" 1 
ATOM   192 O "O4'" . U   B 2 3 ? 4.501   0.436   -6.836  1.00 16.44 ? 10  U   B "O4'" 1 
ATOM   193 C "C3'" . U   B 2 3 ? 3.388   2.485   -6.910  1.00 17.41 ? 10  U   B "C3'" 1 
ATOM   194 O "O3'" . U   B 2 3 ? 3.264   3.748   -7.561  1.00 18.56 ? 10  U   B "O3'" 1 
ATOM   195 C "C2'" . U   B 2 3 ? 2.456   1.426   -7.477  1.00 17.19 ? 10  U   B "C2'" 1 
ATOM   196 O "O2'" . U   B 2 3 ? 2.567   1.447   -8.887  1.00 18.18 ? 10  U   B "O2'" 1 
ATOM   197 C "C1'" . U   B 2 3 ? 3.110   0.157   -6.926  1.00 16.17 ? 10  U   B "C1'" 1 
ATOM   198 N N1    . U   B 2 3 ? 2.629   -0.266  -5.597  1.00 15.69 ? 10  U   B N1    1 
ATOM   199 C C2    . U   B 2 3 ? 1.406   -0.914  -5.538  1.00 15.76 ? 10  U   B C2    1 
ATOM   200 O O2    . U   B 2 3 ? 0.709   -1.100  -6.518  1.00 16.90 ? 10  U   B O2    1 
ATOM   201 N N3    . U   B 2 3 ? 1.029   -1.324  -4.282  1.00 15.44 ? 10  U   B N3    1 
ATOM   202 C C4    . U   B 2 3 ? 1.722   -1.146  -3.103  1.00 15.03 ? 10  U   B C4    1 
ATOM   203 O O4    . U   B 2 3 ? 1.250   -1.582  -2.050  1.00 15.10 ? 10  U   B O4    1 
ATOM   204 C C5    . U   B 2 3 ? 2.979   -0.472  -3.247  1.00 14.58 ? 10  U   B C5    1 
ATOM   205 C C6    . U   B 2 3 ? 3.380   -0.067  -4.460  1.00 15.78 ? 10  U   B C6    1 
ATOM   206 P P     . G   B 2 4 ? 2.433   4.933   -6.866  1.00 19.14 ? 11  G   B P     1 
ATOM   207 O OP1   . G   B 2 4 ? 2.535   6.088   -7.790  1.00 21.30 ? 11  G   B OP1   1 
ATOM   208 O OP2   . G   B 2 4 ? 2.826   5.117   -5.448  1.00 19.69 ? 11  G   B OP2   1 
ATOM   209 O "O5'" . G   B 2 4 ? 0.938   4.391   -6.931  1.00 20.14 ? 11  G   B "O5'" 1 
ATOM   210 C "C5'" . G   B 2 4 ? 0.251   4.279   -8.186  1.00 19.03 ? 11  G   B "C5'" 1 
ATOM   211 C "C4'" . G   B 2 4 ? -1.122  3.720   -7.961  1.00 19.37 ? 11  G   B "C4'" 1 
ATOM   212 O "O4'" . G   B 2 4 ? -1.022  2.348   -7.486  1.00 18.12 ? 11  G   B "O4'" 1 
ATOM   213 C "C3'" . G   B 2 4 ? -1.935  4.420   -6.886  1.00 19.30 ? 11  G   B "C3'" 1 
ATOM   214 O "O3'" . G   B 2 4 ? -2.549  5.594   -7.397  1.00 20.73 ? 11  G   B "O3'" 1 
ATOM   215 C "C2'" . G   B 2 4 ? -2.950  3.344   -6.542  1.00 19.02 ? 11  G   B "C2'" 1 
ATOM   216 O "O2'" . G   B 2 4 ? -3.899  3.221   -7.581  1.00 20.99 ? 11  G   B "O2'" 1 
ATOM   217 C "C1'" . G   B 2 4 ? -2.057  2.101   -6.530  1.00 18.06 ? 11  G   B "C1'" 1 
ATOM   218 N N9    . G   B 2 4 ? -1.439  1.875   -5.225  1.00 16.70 ? 11  G   B N9    1 
ATOM   219 C C8    . G   B 2 4 ? -0.143  2.162   -4.869  1.00 16.08 ? 11  G   B C8    1 
ATOM   220 N N7    . G   B 2 4 ? 0.129   1.854   -3.631  1.00 15.86 ? 11  G   B N7    1 
ATOM   221 C C5    . G   B 2 4 ? -1.058  1.325   -3.140  1.00 15.78 ? 11  G   B C5    1 
ATOM   222 C C6    . G   B 2 4 ? -1.368  0.807   -1.856  1.00 15.81 ? 11  G   B C6    1 
ATOM   223 O O6    . G   B 2 4 ? -0.629  0.713   -0.868  1.00 15.38 ? 11  G   B O6    1 
ATOM   224 N N1    . G   B 2 4 ? -2.699  0.397   -1.774  1.00 15.43 ? 11  G   B N1    1 
ATOM   225 C C2    . G   B 2 4 ? -3.610  0.465   -2.802  1.00 16.67 ? 11  G   B C2    1 
ATOM   226 N N2    . G   B 2 4 ? -4.852  0.019   -2.531  1.00 16.50 ? 11  G   B N2    1 
ATOM   227 N N3    . G   B 2 4 ? -3.323  0.933   -4.013  1.00 17.09 ? 11  G   B N3    1 
ATOM   228 C C4    . G   B 2 4 ? -2.038  1.339   -4.108  1.00 16.31 ? 11  G   B C4    1 
ATOM   229 P P     . C   B 2 5 ? -2.714  6.887   -6.441  1.00 21.46 ? 12  C   B P     1 
ATOM   230 O OP1   . C   B 2 5 ? -3.223  7.992   -7.300  1.00 23.49 ? 12  C   B OP1   1 
ATOM   231 O OP2   . C   B 2 5 ? -1.494  7.102   -5.626  1.00 21.98 ? 12  C   B OP2   1 
ATOM   232 O "O5'" . C   B 2 5 ? -3.863  6.460   -5.422  1.00 21.26 ? 12  C   B "O5'" 1 
ATOM   233 C "C5'" . C   B 2 5 ? -5.178  6.103   -5.893  1.00 21.87 ? 12  C   B "C5'" 1 
ATOM   234 C "C4'" . C   B 2 5 ? -5.987  5.497   -4.775  1.00 21.22 ? 12  C   B "C4'" 1 
ATOM   235 O "O4'" . C   B 2 5 ? -5.393  4.234   -4.360  1.00 20.65 ? 12  C   B "O4'" 1 
ATOM   236 C "C3'" . C   B 2 5 ? -6.035  6.283   -3.476  1.00 21.42 ? 12  C   B "C3'" 1 
ATOM   237 O "O3'" . C   B 2 5 ? -6.961  7.353   -3.520  1.00 23.42 ? 12  C   B "O3'" 1 
ATOM   238 C "C2'" . C   B 2 5 ? -6.482  5.206   -2.505  1.00 21.12 ? 12  C   B "C2'" 1 
ATOM   239 O "O2'" . C   B 2 5 ? -7.830  4.826   -2.684  1.00 21.53 ? 12  C   B "O2'" 1 
ATOM   240 C "C1'" . C   B 2 5 ? -5.623  4.035   -2.970  1.00 20.26 ? 12  C   B "C1'" 1 
ATOM   241 N N1    . C   B 2 5 ? -4.325  3.998   -2.276  1.00 19.78 ? 12  C   B N1    1 
ATOM   242 C C2    . C   B 2 5 ? -4.281  3.461   -0.984  1.00 19.26 ? 12  C   B C2    1 
ATOM   243 O O2    . C   B 2 5 ? -5.325  3.017   -0.483  1.00 19.83 ? 12  C   B O2    1 
ATOM   244 N N3    . C   B 2 5 ? -3.099  3.414   -0.326  1.00 18.12 ? 12  C   B N3    1 
ATOM   245 C C4    . C   B 2 5 ? -1.994  3.890   -0.905  1.00 18.17 ? 12  C   B C4    1 
ATOM   246 N N4    . C   B 2 5 ? -0.853  3.817   -0.222  1.00 18.14 ? 12  C   B N4    1 
ATOM   247 C C5    . C   B 2 5 ? -2.015  4.473   -2.208  1.00 19.35 ? 12  C   B C5    1 
ATOM   248 C C6    . C   B 2 5 ? -3.189  4.495   -2.856  1.00 20.25 ? 12  C   B C6    1 
ATOM   249 P P     . U   B 2 6 ? -6.693  8.648   -2.631  1.00 24.63 ? 13  U   B P     1 
ATOM   250 O OP1   . U   B 2 6 ? -7.779  9.624   -2.944  1.00 26.54 ? 13  U   B OP1   1 
ATOM   251 O OP2   . U   B 2 6 ? -5.278  9.072   -2.729  1.00 26.10 ? 13  U   B OP2   1 
ATOM   252 O "O5'" . U   B 2 6 ? -6.919  8.118   -1.146  1.00 23.63 ? 13  U   B "O5'" 1 
ATOM   253 C "C5'" . U   B 2 6 ? -8.213  7.674   -0.718  1.00 22.91 ? 13  U   B "C5'" 1 
ATOM   254 C "C4'" . U   B 2 6 ? -8.108  7.155   0.691   1.00 21.70 ? 13  U   B "C4'" 1 
ATOM   255 O "O4'" . U   B 2 6 ? -7.152  6.062   0.733   1.00 22.00 ? 13  U   B "O4'" 1 
ATOM   256 C "C3'" . U   B 2 6 ? -7.531  8.130   1.703   1.00 21.88 ? 13  U   B "C3'" 1 
ATOM   257 O "O3'" . U   B 2 6 ? -8.483  9.095   2.128   1.00 22.52 ? 13  U   B "O3'" 1 
ATOM   258 C "C2'" . U   B 2 6 ? -7.126  7.184   2.821   1.00 21.41 ? 13  U   B "C2'" 1 
ATOM   259 O "O2'" . U   B 2 6 ? -8.276  6.783   3.537   1.00 21.42 ? 13  U   B "O2'" 1 
ATOM   260 C "C1'" . U   B 2 6 ? -6.553  6.015   2.019   1.00 21.03 ? 13  U   B "C1'" 1 
ATOM   261 N N1    . U   B 2 6 ? -5.093  6.111   1.858   1.00 20.42 ? 13  U   B N1    1 
ATOM   262 C C2    . U   B 2 6 ? -4.313  5.672   2.909   1.00 20.52 ? 13  U   B C2    1 
ATOM   263 O O2    . U   B 2 6 ? -4.785  5.201   3.930   1.00 20.42 ? 13  U   B O2    1 
ATOM   264 N N3    . U   B 2 6 ? -2.960  5.796   2.714   1.00 20.66 ? 13  U   B N3    1 
ATOM   265 C C4    . U   B 2 6 ? -2.319  6.334   1.615   1.00 21.32 ? 13  U   B C4    1 
ATOM   266 O O4    . U   B 2 6 ? -1.084  6.380   1.593   1.00 21.40 ? 13  U   B O4    1 
ATOM   267 C C5    . U   B 2 6 ? -3.198  6.798   0.581   1.00 21.25 ? 13  U   B C5    1 
ATOM   268 C C6    . U   B 2 6 ? -4.522  6.670   0.731   1.00 20.58 ? 13  U   B C6    1 
ATOM   269 P P     . A   B 2 7 ? -7.958  10.563  2.495   1.00 23.41 ? 14  A   B P     1 
ATOM   270 O OP1   . A   B 2 7 ? -9.186  11.374  2.735   1.00 24.29 ? 14  A   B OP1   1 
ATOM   271 O OP2   . A   B 2 7 ? -6.892  11.053  1.571   1.00 24.98 ? 14  A   B OP2   1 
ATOM   272 O "O5'" . A   B 2 7 ? -7.265  10.358  3.913   1.00 22.78 ? 14  A   B "O5'" 1 
ATOM   273 C "C5'" . A   B 2 7 ? -8.065  10.031  5.048   1.00 22.31 ? 14  A   B "C5'" 1 
ATOM   274 C "C4'" . A   B 2 7 ? -7.172  9.676   6.201   1.00 21.18 ? 14  A   B "C4'" 1 
ATOM   275 O "O4'" . A   B 2 7 ? -6.327  8.553   5.836   1.00 20.31 ? 14  A   B "O4'" 1 
ATOM   276 C "C3'" . A   B 2 7 ? -6.172  10.741  6.629   1.00 21.25 ? 14  A   B "C3'" 1 
ATOM   277 O "O3'" . A   B 2 7 ? -6.827  11.698  7.442   1.00 21.70 ? 14  A   B "O3'" 1 
ATOM   278 C "C2'" . A   B 2 7 ? -5.176  9.907   7.421   1.00 20.97 ? 14  A   B "C2'" 1 
ATOM   279 O "O2'" . A   B 2 7 ? -5.671  9.624   8.713   1.00 21.49 ? 14  A   B "O2'" 1 
ATOM   280 C "C1'" . A   B 2 7 ? -5.133  8.616   6.593   1.00 20.10 ? 14  A   B "C1'" 1 
ATOM   281 N N9    . A   B 2 7 ? -4.004  8.580   5.672   1.00 20.04 ? 14  A   B N9    1 
ATOM   282 C C8    . A   B 2 7 ? -3.934  9.014   4.371   1.00 20.33 ? 14  A   B C8    1 
ATOM   283 N N7    . A   B 2 7 ? -2.748  8.874   3.830   1.00 20.32 ? 14  A   B N7    1 
ATOM   284 C C5    . A   B 2 7 ? -1.979  8.333   4.852   1.00 20.16 ? 14  A   B C5    1 
ATOM   285 C C6    . A   B 2 7 ? -0.630  7.945   4.917   1.00 20.61 ? 14  A   B C6    1 
ATOM   286 N N6    . A   B 2 7 ? 0.223   8.072   3.898   1.00 21.16 ? 14  A   B N6    1 
ATOM   287 N N1    . A   B 2 7 ? -0.172  7.460   6.093   1.00 20.20 ? 14  A   B N1    1 
ATOM   288 C C2    . A   B 2 7 ? -1.021  7.365   7.120   1.00 20.14 ? 14  A   B C2    1 
ATOM   289 N N3    . A   B 2 7 ? -2.316  7.677   7.175   1.00 19.79 ? 14  A   B N3    1 
ATOM   290 C C4    . A   B 2 7 ? -2.738  8.154   5.993   1.00 19.84 ? 14  A   B C4    1 
HETATM 291 O O     . HOH C 3 . ? 2.598   -11.674 -10.670 1.00 38.56 ? 101 HOH A O     1 
HETATM 292 O O     . HOH C 3 . ? -5.808  -4.359  -7.167  1.00 25.91 ? 102 HOH A O     1 
HETATM 293 O O     . HOH C 3 . ? 6.027   -7.882  -12.403 1.00 22.41 ? 103 HOH A O     1 
HETATM 294 O O     . HOH C 3 . ? -6.740  -7.892  6.965   1.00 26.01 ? 104 HOH A O     1 
HETATM 295 O O     . HOH C 3 . ? -0.173  5.803   10.513  1.00 34.43 ? 105 HOH A O     1 
HETATM 296 O O     . HOH C 3 . ? -0.360  -11.144 -12.209 1.00 18.38 ? 106 HOH A O     1 
HETATM 297 O O     . HOH C 3 . ? -7.066  0.632   8.881   1.00 31.20 ? 107 HOH A O     1 
HETATM 298 O O     . HOH C 3 . ? 1.673   5.446   11.713  1.00 35.89 ? 108 HOH A O     1 
HETATM 299 O O     . HOH C 3 . ? -4.173  1.635   11.087  1.00 42.25 ? 109 HOH A O     1 
HETATM 300 O O     . HOH C 3 . ? -1.342  -5.528  8.231   1.00 20.70 ? 110 HOH A O     1 
HETATM 301 O O     . HOH C 3 . ? 0.455   -3.543  -8.275  1.00 16.27 ? 111 HOH A O     1 
HETATM 302 O O     . HOH C 3 . ? -8.295  -9.296  -2.700  1.00 22.62 ? 112 HOH A O     1 
HETATM 303 O O     . HOH C 3 . ? -8.429  -0.256  5.055   1.00 24.26 ? 113 HOH A O     1 
HETATM 304 O O     . HOH C 3 . ? -4.209  -10.232 -10.929 1.00 26.04 ? 114 HOH A O     1 
HETATM 305 O O     . HOH C 3 . ? 1.473   -9.297  -1.638  1.00 27.75 ? 115 HOH A O     1 
HETATM 306 O O     . HOH C 3 . ? -1.536  -9.915  -2.778  1.00 35.87 ? 116 HOH A O     1 
HETATM 307 O O     . HOH C 3 . ? -9.856  -7.099  0.699   1.00 21.53 ? 117 HOH A O     1 
HETATM 308 O O     . HOH C 3 . ? -0.210  -10.007 -5.118  1.00 26.42 ? 118 HOH A O     1 
HETATM 309 O O     . HOH C 3 . ? 1.312   -12.074 -8.227  1.00 40.51 ? 119 HOH A O     1 
HETATM 310 O O     . HOH C 3 . ? -1.827  -0.416  12.678  1.00 30.08 ? 120 HOH A O     1 
HETATM 311 O O     . HOH C 3 . ? 4.283   -2.526  11.564  1.00 37.64 ? 121 HOH A O     1 
HETATM 312 O O     . HOH C 3 . ? 1.708   2.856   13.040  1.00 41.73 ? 122 HOH A O     1 
HETATM 313 O O     . HOH C 3 . ? 7.667   -6.562  -8.881  1.00 22.95 ? 123 HOH A O     1 
HETATM 314 O O     . HOH C 3 . ? -6.541  3.324   5.992   1.00 43.68 ? 124 HOH A O     1 
HETATM 315 O O     . HOH C 3 . ? -10.828 -4.010  2.932   1.00 22.99 ? 125 HOH A O     1 
HETATM 316 O O     . HOH C 3 . ? -3.453  -12.239 -6.603  1.00 32.93 ? 126 HOH A O     1 
HETATM 317 O O     . HOH C 3 . ? -4.769  -12.001 -2.202  1.00 39.18 ? 127 HOH A O     1 
HETATM 318 O O     . HOH C 3 . ? -2.780  -12.214 -4.372  1.00 36.43 ? 128 HOH A O     1 
HETATM 319 O O     . HOH C 3 . ? 12.657  1.955   6.110   1.00 53.59 ? 129 HOH A O     1 
HETATM 320 O O     . HOH C 3 . ? 2.339   -1.989  0.569   1.00 12.11 ? 130 HOH A O     1 
HETATM 321 O O     . HOH C 3 . ? -2.846  -5.722  3.447   1.00 21.74 ? 131 HOH A O     1 
HETATM 322 O O     . HOH C 3 . ? -0.987  -3.197  5.429   1.00 23.36 ? 132 HOH A O     1 
HETATM 323 O O     . HOH C 3 . ? -3.093  -7.920  0.062   1.00 21.64 ? 133 HOH A O     1 
HETATM 324 O O     . HOH C 3 . ? 1.568   1.748   2.485   1.00 21.69 ? 134 HOH A O     1 
HETATM 325 O O     . HOH C 3 . ? 1.108   -1.454  3.091   1.00 25.95 ? 135 HOH A O     1 
HETATM 326 O O     . HOH C 3 . ? -0.337  -7.556  0.571   1.00 24.69 ? 136 HOH A O     1 
HETATM 327 O O     . HOH C 3 . ? 1.158   0.012   5.375   1.00 23.78 ? 137 HOH A O     1 
HETATM 328 O O     . HOH C 3 . ? -3.342  3.553   9.066   1.00 31.61 ? 138 HOH A O     1 
HETATM 329 O O     . HOH C 3 . ? 3.856   0.189   4.895   1.00 35.16 ? 139 HOH A O     1 
HETATM 330 O O     . HOH C 3 . ? 3.358   3.334   3.841   1.00 36.21 ? 140 HOH A O     1 
HETATM 331 O O     . HOH D 3 . ? -2.654  10.314  1.797   1.00 47.87 ? 101 HOH B O     1 
HETATM 332 O O     . HOH D 3 . ? -4.618  10.134  -7.528  1.00 46.50 ? 102 HOH B O     1 
HETATM 333 O O     . HOH D 3 . ? 10.418  -5.374  4.734   1.00 54.27 ? 103 HOH B O     1 
HETATM 334 O O     . HOH D 3 . ? 13.586  1.355   0.632   1.00 26.26 ? 104 HOH B O     1 
HETATM 335 O O     . HOH D 3 . ? 6.602   -2.260  -7.118  1.00 19.47 ? 105 HOH B O     1 
HETATM 336 O O     . HOH D 3 . ? -3.255  7.691   9.784   1.00 40.41 ? 106 HOH B O     1 
HETATM 337 O O     . HOH D 3 . ? 14.348  -0.770  -1.024  1.00 20.20 ? 107 HOH B O     1 
HETATM 338 O O     . HOH D 3 . ? 10.313  4.182   -0.587  1.00 35.57 ? 108 HOH B O     1 
HETATM 339 O O     . HOH D 3 . ? 7.044   -6.891  2.628   1.00 36.99 ? 109 HOH B O     1 
HETATM 340 O O     . HOH D 3 . ? 4.223   -6.016  1.061   1.00 34.05 ? 110 HOH B O     1 
HETATM 341 O O     . HOH D 3 . ? 3.428   -3.181  -8.623  1.00 18.87 ? 111 HOH B O     1 
HETATM 342 O O     . HOH D 3 . ? 8.666   -4.046  -8.012  1.00 24.19 ? 112 HOH B O     1 
HETATM 343 O O     . HOH D 3 . ? 5.143   4.868   -10.070 1.00 37.40 ? 113 HOH B O     1 
HETATM 344 O O     . HOH D 3 . ? -7.794  13.796  5.033   1.00 54.13 ? 114 HOH B O     1 
HETATM 345 O O     . HOH D 3 . ? 11.461  6.854   0.703   1.00 85.22 ? 115 HOH B O     1 
HETATM 346 O O     . HOH D 3 . ? 0.604   6.128   -3.963  1.00 21.70 ? 116 HOH B O     1 
HETATM 347 O O     . HOH D 3 . ? 2.014   0.744   -0.028  1.00 23.48 ? 117 HOH B O     1 
HETATM 348 O O     . HOH D 3 . ? 5.680   -2.907  1.655   1.00 34.53 ? 118 HOH B O     1 
HETATM 349 O O     . HOH D 3 . ? 4.800   1.020   -1.163  1.00 28.38 ? 119 HOH B O     1 
HETATM 350 O O     . HOH D 3 . ? 2.685   -3.420  1.634   1.00 18.81 ? 120 HOH B O     1 
HETATM 351 O O     . HOH D 3 . ? 6.383   0.942   1.107   1.00 29.22 ? 121 HOH B O     1 
HETATM 352 O O     . HOH D 3 . ? 1.595   5.177   -1.270  1.00 43.45 ? 122 HOH B O     1 
HETATM 353 O O     . HOH D 3 . ? 0.801   7.472   -0.297  1.00 50.24 ? 123 HOH B O     1 
HETATM 354 O O     . HOH D 3 . ? -4.670  10.113  0.145   1.00 42.16 ? 124 HOH B O     1 
HETATM 355 O O     . HOH D 3 . ? 2.168   6.759   -10.529 1.00 45.16 ? 125 HOH B O     1 
HETATM 356 O O     . HOH D 3 . ? -0.633  6.377   -11.338 1.00 49.35 ? 126 HOH B O     1 
# 
loop_
_atom_site_anisotrop.id 
_atom_site_anisotrop.type_symbol 
_atom_site_anisotrop.pdbx_label_atom_id 
_atom_site_anisotrop.pdbx_label_alt_id 
_atom_site_anisotrop.pdbx_label_comp_id 
_atom_site_anisotrop.pdbx_label_asym_id 
_atom_site_anisotrop.pdbx_label_seq_id 
_atom_site_anisotrop.pdbx_PDB_ins_code 
_atom_site_anisotrop.U[1][1] 
_atom_site_anisotrop.U[2][2] 
_atom_site_anisotrop.U[3][3] 
_atom_site_anisotrop.U[1][2] 
_atom_site_anisotrop.U[1][3] 
_atom_site_anisotrop.U[2][3] 
_atom_site_anisotrop.pdbx_auth_seq_id 
_atom_site_anisotrop.pdbx_auth_comp_id 
_atom_site_anisotrop.pdbx_auth_asym_id 
_atom_site_anisotrop.pdbx_auth_atom_id 
1   O "O5'" . U   A 1 ? 0.2731 0.2991 0.4332 -0.0053 -0.0163 -0.0429 1  U   A "O5'" 
2   C "C5'" . U   A 1 ? 0.2576 0.2865 0.4167 -0.0027 -0.0226 -0.0508 1  U   A "C5'" 
3   C "C4'" . U   A 1 ? 0.2612 0.2910 0.4102 -0.0012 -0.0251 -0.0518 1  U   A "C4'" 
4   O "O4'" . U   A 1 ? 0.2578 0.2860 0.4164 -0.0011 -0.0245 -0.0521 1  U   A "O4'" 
5   C "C3'" . U   A 1 ? 0.2731 0.3022 0.4045 -0.0022 -0.0227 -0.0456 1  U   A "C3'" 
6   O "O3'" . U   A 1 ? 0.3013 0.3307 0.4195 -0.0021 -0.0248 -0.0458 1  U   A "O3'" 
7   C "C2'" . U   A 1 ? 0.2612 0.2933 0.3903 -0.0008 -0.0243 -0.0480 1  U   A "C2'" 
8   O "O2'" . U   A 1 ? 0.2638 0.3007 0.3895 0.0013  -0.0295 -0.0546 1  U   A "O2'" 
9   C "C1'" . U   A 1 ? 0.2550 0.2842 0.4015 -0.0004 -0.0238 -0.0494 1  U   A "C1'" 
10  N N1    . U   A 1 ? 0.2492 0.2736 0.3963 -0.0017 -0.0186 -0.0421 1  U   A N1    
11  C C2    . U   A 1 ? 0.2427 0.2680 0.3824 -0.0001 -0.0184 -0.0406 1  U   A C2    
12  O O2    . U   A 1 ? 0.2430 0.2740 0.3763 0.0017  -0.0218 -0.0451 1  U   A O2    
13  N N3    . U   A 1 ? 0.2392 0.2594 0.3785 -0.0006 -0.0140 -0.0338 1  U   A N3    
14  C C4    . U   A 1 ? 0.2516 0.2665 0.3968 -0.0027 -0.0093 -0.0279 1  U   A C4    
15  O O4    . U   A 1 ? 0.2680 0.2786 0.4106 -0.0024 -0.0056 -0.0217 1  U   A O4    
16  C C5    . U   A 1 ? 0.2476 0.2635 0.4012 -0.0049 -0.0093 -0.0300 1  U   A C5    
17  C C6    . U   A 1 ? 0.2525 0.2730 0.4070 -0.0041 -0.0142 -0.0371 1  U   A C6    
18  P P     . A   A 2 ? 0.2960 0.3225 0.3990 -0.0040 -0.0220 -0.0390 2  A   A P     
19  O OP1   . A   A 2 ? 0.3421 0.3665 0.4346 -0.0034 -0.0262 -0.0409 2  A   A OP1   
20  O OP2   . A   A 2 ? 0.2857 0.3102 0.3935 -0.0050 -0.0169 -0.0335 2  A   A OP2   
21  O "O5'" . A   A 2 ? 0.2830 0.3125 0.3763 -0.0050 -0.0215 -0.0376 2  A   A "O5'" 
22  C "C5'" . A   A 2 ? 0.2675 0.3012 0.3540 -0.0046 -0.0253 -0.0420 2  A   A "C5'" 
23  C "C4'" . A   A 2 ? 0.2496 0.2887 0.3306 -0.0055 -0.0237 -0.0411 2  A   A "C4'" 
24  O "O4'" . A   A 2 ? 0.2496 0.2899 0.3435 -0.0033 -0.0226 -0.0426 2  A   A "O4'" 
25  C "C3'" . A   A 2 ? 0.2346 0.2726 0.3054 -0.0084 -0.0201 -0.0350 2  A   A "C3'" 
26  O "O3'" . A   A 2 ? 0.2306 0.2679 0.2865 -0.0115 -0.0212 -0.0336 2  A   A "O3'" 
27  C "C2'" . A   A 2 ? 0.2307 0.2751 0.3040 -0.0072 -0.0187 -0.0362 2  A   A "C2'" 
28  O "O2'" . A   A 2 ? 0.2375 0.2903 0.3050 -0.0076 -0.0209 -0.0405 2  A   A "O2'" 
29  C "C1'" . A   A 2 ? 0.2319 0.2740 0.3212 -0.0038 -0.0196 -0.0390 2  A   A "C1'" 
30  N N9    . A   A 2 ? 0.2179 0.2538 0.3141 -0.0035 -0.0159 -0.0340 2  A   A N9    
31  C C8    . A   A 2 ? 0.2206 0.2509 0.3239 -0.0041 -0.0143 -0.0315 2  A   A C8    
32  N N7    . A   A 2 ? 0.2208 0.2472 0.3282 -0.0038 -0.0104 -0.0264 2  A   A N7    
33  C C5    . A   A 2 ? 0.2187 0.2475 0.3213 -0.0023 -0.0100 -0.0258 2  A   A C5    
34  C C6    . A   A 2 ? 0.2215 0.2477 0.3236 -0.0007 -0.0070 -0.0214 2  A   A C6    
35  N N6    . A   A 2 ? 0.2259 0.2462 0.3326 -0.0006 -0.0031 -0.0157 2  A   A N6    
36  N N1    . A   A 2 ? 0.2163 0.2471 0.3129 0.0015  -0.0083 -0.0231 2  A   A N1    
37  C C2    . A   A 2 ? 0.2152 0.2537 0.3071 0.0011  -0.0116 -0.0288 2  A   A C2    
38  N N3    . A   A 2 ? 0.2114 0.2528 0.3023 -0.0009 -0.0140 -0.0325 2  A   A N3    
39  C C4    . A   A 2 ? 0.2190 0.2545 0.3151 -0.0023 -0.0133 -0.0308 2  A   A C4    
40  P P     . G   A 3 ? 0.2328 0.2659 0.2789 -0.0145 -0.0188 -0.0278 3  G   A P     
41  O OP1   . G   A 3 ? 0.2525 0.2824 0.2845 -0.0176 -0.0216 -0.0274 3  G   A OP1   
42  O OP2   . G   A 3 ? 0.2432 0.2708 0.2963 -0.0126 -0.0168 -0.0248 3  G   A OP2   
43  O "O5'" . G   A 3 ? 0.2139 0.2541 0.2578 -0.0159 -0.0160 -0.0269 3  G   A "O5'" 
44  C "C5'" . G   A 3 ? 0.2055 0.2547 0.2433 -0.0180 -0.0167 -0.0299 3  G   A "C5'" 
45  C "C4'" . G   A 3 ? 0.2018 0.2583 0.2397 -0.0183 -0.0140 -0.0296 3  G   A "C4'" 
46  O "O4'" . G   A 3 ? 0.2043 0.2619 0.2543 -0.0130 -0.0136 -0.0314 3  G   A "O4'" 
47  C "C3'" . G   A 3 ? 0.1938 0.2463 0.2267 -0.0200 -0.0117 -0.0249 3  G   A "C3'" 
48  O "O3'" . G   A 3 ? 0.1838 0.2371 0.2046 -0.0259 -0.0118 -0.0234 3  G   A "O3'" 
49  C "C2'" . G   A 3 ? 0.1957 0.2548 0.2343 -0.0167 -0.0098 -0.0260 3  G   A "C2'" 
50  O "O2'" . G   A 3 ? 0.2000 0.2712 0.2347 -0.0187 -0.0098 -0.0296 3  G   A "O2'" 
51  C "C1'" . G   A 3 ? 0.1907 0.2483 0.2410 -0.0118 -0.0110 -0.0284 3  G   A "C1'" 
52  N N9    . G   A 3 ? 0.1901 0.2385 0.2480 -0.0089 -0.0096 -0.0248 3  G   A N9    
53  C C8    . G   A 3 ? 0.2019 0.2433 0.2646 -0.0090 -0.0102 -0.0239 3  G   A C8    
54  N N7    . G   A 3 ? 0.1914 0.2274 0.2613 -0.0069 -0.0080 -0.0205 3  G   A N7    
55  C C5    . G   A 3 ? 0.1873 0.2253 0.2555 -0.0048 -0.0060 -0.0186 3  G   A C5    
56  C C6    . G   A 3 ? 0.1857 0.2193 0.2578 -0.0019 -0.0029 -0.0142 3  G   A C6    
57  O O6    . G   A 3 ? 0.1894 0.2172 0.2680 -0.0013 -0.0007 -0.0107 3  G   A O6    
58  N N1    . G   A 3 ? 0.1849 0.2224 0.2525 0.0006  -0.0025 -0.0141 3  G   A N1    
59  C C2    . G   A 3 ? 0.1820 0.2284 0.2438 -0.0001 -0.0044 -0.0184 3  G   A C2    
60  N N2    . G   A 3 ? 0.1922 0.2425 0.2509 0.0033  -0.0040 -0.0186 3  G   A N2    
61  N N3    . G   A 3 ? 0.1832 0.2346 0.2419 -0.0037 -0.0066 -0.0223 3  G   A N3    
62  C C4    . G   A 3 ? 0.1862 0.2324 0.2479 -0.0057 -0.0073 -0.0218 3  G   A C4    
63  P P     . C   A 4 ? 0.1865 0.2299 0.2000 -0.0284 -0.0118 -0.0188 4  C   A P     
64  O OP1   . C   A 4 ? 0.1953 0.2394 0.1967 -0.0354 -0.0127 -0.0182 4  C   A OP1   
65  O OP2   . C   A 4 ? 0.1936 0.2273 0.2115 -0.0247 -0.0131 -0.0173 4  C   A OP2   
66  O "O5'" . C   A 4 ? 0.1973 0.2447 0.2142 -0.0261 -0.0092 -0.0178 4  C   A "O5'" 
67  C "C5'" . C   A 4 ? 0.1819 0.2397 0.1955 -0.0290 -0.0079 -0.0198 4  C   A "C5'" 
68  C "C4'" . C   A 4 ? 0.1819 0.2428 0.2002 -0.0242 -0.0061 -0.0195 4  C   A "C4'" 
69  O "O4'" . C   A 4 ? 0.1759 0.2368 0.2039 -0.0179 -0.0057 -0.0203 4  C   A "O4'" 
70  C "C3'" . C   A 4 ? 0.1820 0.2344 0.1986 -0.0221 -0.0056 -0.0156 4  C   A "C3'" 
71  O "O3'" . C   A 4 ? 0.1887 0.2408 0.1972 -0.0268 -0.0064 -0.0151 4  C   A "O3'" 
72  C "C2'" . C   A 4 ? 0.1743 0.2304 0.1970 -0.0156 -0.0038 -0.0155 4  C   A "C2'" 
73  O "O2'" . C   A 4 ? 0.1721 0.2384 0.1924 -0.0160 -0.0036 -0.0185 4  C   A "O2'" 
74  C "C1'" . C   A 4 ? 0.1766 0.2336 0.2073 -0.0131 -0.0040 -0.0172 4  C   A "C1'" 
75  N N1    . C   A 4 ? 0.1652 0.2128 0.2017 -0.0105 -0.0035 -0.0141 4  C   A N1    
76  C C2    . C   A 4 ? 0.1615 0.2056 0.2024 -0.0055 -0.0012 -0.0108 4  C   A C2    
77  O O2    . C   A 4 ? 0.1649 0.2129 0.2038 -0.0026 -0.0003 -0.0106 4  C   A O2    
78  N N3    . C   A 4 ? 0.1586 0.1959 0.2061 -0.0041 0.0000  -0.0081 4  C   A N3    
79  C C4    . C   A 4 ? 0.1682 0.2023 0.2179 -0.0067 -0.0016 -0.0093 4  C   A C4    
80  N N4    . C   A 4 ? 0.1659 0.1950 0.2230 -0.0054 -0.0003 -0.0074 4  C   A N4    
81  C C5    . C   A 4 ? 0.1695 0.2059 0.2136 -0.0108 -0.0046 -0.0127 4  C   A C5    
82  C C6    . C   A 4 ? 0.1663 0.2093 0.2037 -0.0130 -0.0051 -0.0145 4  C   A C6    
83  P P     . SUR A 5 ? 0.1947 0.2354 0.1981 -0.0270 -0.0079 -0.0119 5  SUR A P     
84  O OP1   . SUR A 5 ? 0.2050 0.2362 0.2081 -0.0270 -0.0097 -0.0105 5  SUR A OP1   
85  O OP2   . SUR A 5 ? 0.2083 0.2505 0.2042 -0.0325 -0.0091 -0.0127 5  SUR A OP2   
86  O "O5'" . SUR A 5 ? 0.1865 0.2270 0.1953 -0.0192 -0.0058 -0.0101 5  SUR A "O5'" 
87  C "C5'" . SUR A 5 ? 0.1894 0.2372 0.1980 -0.0165 -0.0045 -0.0112 5  SUR A "C5'" 
88  C "C4'" . SUR A 5 ? 0.1797 0.2258 0.1924 -0.0087 -0.0024 -0.0083 5  SUR A "C4'" 
89  O "O4'" . SUR A 5 ? 0.1785 0.2234 0.1988 -0.0059 -0.0006 -0.0071 5  SUR A "O4'" 
90  C "C3'" . SUR A 5 ? 0.1838 0.2221 0.1949 -0.0070 -0.0027 -0.0055 5  SUR A "C3'" 
91  C "C1'" . SUR A 5 ? 0.1748 0.2141 0.1985 -0.0016 0.0015  -0.0030 5  SUR A "C1'" 
92  N N1    . SUR A 5 ? 0.1732 0.2071 0.2016 -0.0037 0.0011  -0.0025 5  SUR A N1    
93  C "C2'" . SUR A 5 ? 0.1827 0.2208 0.1998 -0.0006 0.0008  -0.0022 5  SUR A "C2'" 
94  C C6    . SUR A 5 ? 0.1649 0.1979 0.1915 -0.0087 -0.0018 -0.0053 5  SUR A C6    
95  C C2    . SUR A 5 ? 0.1800 0.2102 0.2149 -0.0006 0.0036  0.0007  5  SUR A C2    
96  C C5    . SUR A 5 ? 0.1721 0.2002 0.2027 -0.0097 -0.0029 -0.0056 5  SUR A C5    
97  S S2    . SUR A 5 ? 0.1798 0.2107 0.2152 0.0050  0.0076  0.0051  5  SUR A S2    
98  N N3    . SUR A 5 ? 0.1872 0.2141 0.2277 -0.0024 0.0028  -0.0001 5  SUR A N3    
99  C C4    . SUR A 5 ? 0.1755 0.2010 0.2137 -0.0063 -0.0007 -0.0034 5  SUR A C4    
100 O O4    . SUR A 5 ? 0.1877 0.2104 0.2311 -0.0069 -0.0018 -0.0046 5  SUR A O4    
101 O "O2'" . SUR A 5 ? 0.1978 0.2408 0.2125 0.0042  0.0021  -0.0018 5  SUR A "O2'" 
102 O "O3'" . SUR A 5 ? 0.1974 0.2363 0.2018 -0.0071 -0.0043 -0.0066 5  SUR A "O3'" 
103 P P     . C   A 6 ? 0.2111 0.2418 0.2100 -0.0087 -0.0076 -0.0065 6  C   A P     
104 O OP1   . C   A 6 ? 0.2149 0.2473 0.2077 -0.0116 -0.0102 -0.0093 6  C   A OP1   
105 O OP2   . C   A 6 ? 0.2034 0.2271 0.2026 -0.0125 -0.0093 -0.0061 6  C   A OP2   
106 O "O5'" . C   A 6 ? 0.1983 0.2279 0.1993 -0.0011 -0.0057 -0.0040 6  C   A "O5'" 
107 C "C5'" . C   A 6 ? 0.1959 0.2313 0.1960 0.0050  -0.0035 -0.0032 6  C   A "C5'" 
108 C "C4'" . C   A 6 ? 0.1923 0.2279 0.1975 0.0106  0.0007  0.0009  6  C   A "C4'" 
109 O "O4'" . C   A 6 ? 0.1816 0.2160 0.1939 0.0083  0.0028  0.0025  6  C   A "O4'" 
110 C "C3'" . C   A 6 ? 0.1911 0.2232 0.1965 0.0128  0.0005  0.0018  6  C   A "C3'" 
111 O "O3'" . C   A 6 ? 0.1969 0.2319 0.1971 0.0182  -0.0001 0.0013  6  C   A "O3'" 
112 C "C2'" . C   A 6 ? 0.1841 0.2171 0.1977 0.0148  0.0055  0.0059  6  C   A "C2'" 
113 O "O2'" . C   A 6 ? 0.1956 0.2327 0.2084 0.0204  0.0097  0.0097  6  C   A "O2'" 
114 C "C1'" . C   A 6 ? 0.1847 0.2166 0.2025 0.0104  0.0054  0.0054  6  C   A "C1'" 
115 N N1    . C   A 6 ? 0.1721 0.1997 0.1940 0.0057  0.0035  0.0036  6  C   A N1    
116 C C2    . C   A 6 ? 0.1722 0.1991 0.2029 0.0063  0.0061  0.0055  6  C   A C2    
117 O O2    . C   A 6 ? 0.1684 0.1974 0.2027 0.0098  0.0106  0.0092  6  C   A O2    
118 N N3    . C   A 6 ? 0.1741 0.1978 0.2089 0.0030  0.0038  0.0031  6  C   A N3    
119 C C4    . C   A 6 ? 0.1708 0.1914 0.1999 -0.0008 -0.0007 0.0000  6  C   A C4    
120 N N4    . C   A 6 ? 0.1720 0.1895 0.2042 -0.0031 -0.0031 -0.0023 6  C   A N4    
121 C C5    . C   A 6 ? 0.1703 0.1913 0.1901 -0.0025 -0.0029 -0.0011 6  C   A C5    
122 C C6    . C   A 6 ? 0.1752 0.2000 0.1924 0.0009  -0.0009 0.0004  6  C   A C6    
123 P P     . C   A 7 ? 0.2064 0.2389 0.2039 0.0208  -0.0030 -0.0007 7  C   A P     
124 O OP1   . C   A 7 ? 0.2128 0.2506 0.2051 0.0272  -0.0032 -0.0015 7  C   A OP1   
125 O OP2   . C   A 7 ? 0.2150 0.2394 0.2098 0.0151  -0.0087 -0.0040 7  C   A OP2   
126 O "O5'" . C   A 7 ? 0.1977 0.2316 0.2024 0.0230  0.0012  0.0024  7  C   A "O5'" 
127 C "C5'" . C   A 7 ? 0.1951 0.2357 0.2017 0.0286  0.0071  0.0066  7  C   A "C5'" 
128 C "C4'" . C   A 7 ? 0.1938 0.2359 0.2083 0.0287  0.0107  0.0085  7  C   A "C4'" 
129 O "O4'" . C   A 7 ? 0.1845 0.2229 0.2068 0.0232  0.0119  0.0097  7  C   A "O4'" 
130 C "C3'" . C   A 7 ? 0.1979 0.2389 0.2129 0.0293  0.0064  0.0040  7  C   A "C3'" 
131 O "O3'" . C   A 7 ? 0.2093 0.2561 0.2198 0.0360  0.0062  0.0026  7  C   A "O3'" 
132 C "C2'" . C   A 7 ? 0.1916 0.2342 0.2175 0.0270  0.0102  0.0055  7  C   A "C2'" 
133 O "O2'" . C   A 7 ? 0.2047 0.2554 0.2348 0.0302  0.0171  0.0096  7  C   A "O2'" 
134 C "C1'" . C   A 7 ? 0.1884 0.2269 0.2177 0.0219  0.0119  0.0082  7  C   A "C1'" 
135 N N1    . C   A 7 ? 0.1899 0.2218 0.2205 0.0167  0.0070  0.0047  7  C   A N1    
136 C C2    . C   A 7 ? 0.1828 0.2145 0.2227 0.0146  0.0074  0.0034  7  C   A C2    
137 O O2    . C   A 7 ? 0.1753 0.2127 0.2228 0.0164  0.0120  0.0050  7  C   A O2    
138 N N3    . C   A 7 ? 0.1886 0.2144 0.2287 0.0108  0.0030  0.0003  7  C   A N3    
139 C C4    . C   A 7 ? 0.1893 0.2100 0.2206 0.0082  -0.0012 -0.0010 7  C   A C4    
140 N N4    . C   A 7 ? 0.1935 0.2092 0.2244 0.0044  -0.0051 -0.0035 7  C   A N4    
141 C C5    . C   A 7 ? 0.1890 0.2104 0.2120 0.0093  -0.0014 0.0001  7  C   A C5    
142 C C6    . C   A 7 ? 0.1858 0.2128 0.2089 0.0140  0.0024  0.0026  7  C   A C6    
163 P P     . G   B 2 ? 0.2327 0.2775 0.2540 0.0002  0.0077  -0.0074 9  G   B P     
164 O OP1   . G   B 2 ? 0.2407 0.2951 0.2739 -0.0078 0.0072  -0.0130 9  G   B OP1   
165 O OP2   . G   B 2 ? 0.2548 0.2906 0.2690 0.0053  0.0070  -0.0072 9  G   B OP2   
166 O "O5'" . G   B 2 ? 0.2287 0.2610 0.2489 -0.0032 0.0099  -0.0009 9  G   B "O5'" 
167 C "C5'" . G   B 2 ? 0.2149 0.2522 0.2404 -0.0079 0.0117  0.0014  9  G   B "C5'" 
168 C "C4'" . G   B 2 ? 0.2023 0.2305 0.2226 -0.0067 0.0134  0.0072  9  G   B "C4'" 
169 O "O4'" . G   B 2 ? 0.1917 0.2179 0.2027 0.0002  0.0132  0.0076  9  G   B "O4'" 
170 C "C3'" . G   B 2 ? 0.2034 0.2186 0.2226 -0.0083 0.0137  0.0093  9  G   B "C3'" 
171 O "O3'" . G   B 2 ? 0.2158 0.2280 0.2411 -0.0135 0.0154  0.0113  9  G   B "O3'" 
172 C "C2'" . G   B 2 ? 0.1963 0.2093 0.2092 -0.0048 0.0146  0.0123  9  G   B "C2'" 
173 O "O2'" . G   B 2 ? 0.1941 0.2121 0.2086 -0.0057 0.0162  0.0160  9  G   B "O2'" 
174 C "C1'" . G   B 2 ? 0.1899 0.2056 0.1968 0.0002  0.0143  0.0100  9  G   B "C1'" 
175 N N9    . G   B 2 ? 0.1853 0.1923 0.1867 0.0024  0.0144  0.0082  9  G   B N9    
176 C C8    . G   B 2 ? 0.1745 0.1816 0.1745 0.0049  0.0134  0.0056  9  G   B C8    
177 N N7    . G   B 2 ? 0.1867 0.1846 0.1812 0.0062  0.0147  0.0053  9  G   B N7    
178 C C5    . G   B 2 ? 0.1817 0.1742 0.1748 0.0036  0.0165  0.0063  9  G   B C5    
179 C C6    . G   B 2 ? 0.1862 0.1708 0.1753 0.0021  0.0189  0.0052  9  G   B C6    
180 O O6    . G   B 2 ? 0.2061 0.1844 0.1909 0.0027  0.0207  0.0040  9  G   B O6    
181 N N1    . G   B 2 ? 0.1888 0.1749 0.1791 -0.0005 0.0197  0.0048  9  G   B N1    
182 C C2    . G   B 2 ? 0.1846 0.1778 0.1784 -0.0004 0.0185  0.0068  9  G   B C2    
183 N N2    . G   B 2 ? 0.1897 0.1861 0.1834 -0.0017 0.0194  0.0057  9  G   B N2    
184 N N3    . G   B 2 ? 0.1823 0.1812 0.1794 0.0007  0.0169  0.0091  9  G   B N3    
185 C C4    . G   B 2 ? 0.1819 0.1805 0.1791 0.0021  0.0159  0.0082  9  G   B C4    
186 P P     . U   B 3 ? 0.2484 0.2482 0.2731 -0.0143 0.0157  0.0126  10 U   B P     
187 O OP1   . U   B 3 ? 0.2691 0.2647 0.2989 -0.0193 0.0192  0.0151  10 U   B OP1   
188 O OP2   . U   B 3 ? 0.2574 0.2546 0.2813 -0.0128 0.0130  0.0078  10 U   B OP2   
189 O "O5'" . U   B 3 ? 0.2256 0.2234 0.2441 -0.0098 0.0160  0.0164  10 U   B "O5'" 
190 C "C5'" . U   B 3 ? 0.2263 0.2274 0.2436 -0.0089 0.0182  0.0213  10 U   B "C5'" 
191 C "C4'" . U   B 3 ? 0.2151 0.2175 0.2271 -0.0043 0.0178  0.0223  10 U   B "C4'" 
192 O "O4'" . U   B 3 ? 0.2035 0.2088 0.2123 -0.0032 0.0163  0.0179  10 U   B "O4'" 
193 C "C3'" . U   B 3 ? 0.2183 0.2151 0.2283 -0.0020 0.0171  0.0220  10 U   B "C3'" 
194 O "O3'" . U   B 3 ? 0.2348 0.2264 0.2441 -0.0002 0.0196  0.0276  10 U   B "O3'" 
195 C "C2'" . U   B 3 ? 0.2142 0.2187 0.2202 0.0010  0.0162  0.0194  10 U   B "C2'" 
196 O "O2'" . U   B 3 ? 0.2250 0.2365 0.2292 0.0042  0.0176  0.0232  10 U   B "O2'" 
197 C "C1'" . U   B 3 ? 0.2012 0.2063 0.2069 -0.0015 0.0159  0.0157  10 U   B "C1'" 
198 N N1    . U   B 3 ? 0.1971 0.1972 0.2019 -0.0028 0.0150  0.0114  10 U   B N1    
199 C C2    . U   B 3 ? 0.1985 0.1997 0.2006 -0.0028 0.0155  0.0075  10 U   B C2    
200 O O2    . U   B 3 ? 0.2108 0.2191 0.2121 -0.0018 0.0159  0.0063  10 U   B O2    
201 N N3    . U   B 3 ? 0.1966 0.1927 0.1973 -0.0042 0.0157  0.0044  10 U   B N3    
202 C C4    . U   B 3 ? 0.1929 0.1842 0.1939 -0.0040 0.0150  0.0048  10 U   B C4    
203 O O4    . U   B 3 ? 0.1960 0.1835 0.1944 -0.0041 0.0158  0.0026  10 U   B O4    
204 C C5    . U   B 3 ? 0.1856 0.1784 0.1900 -0.0038 0.0138  0.0074  10 U   B C5    
205 C C6    . U   B 3 ? 0.1989 0.1953 0.2054 -0.0039 0.0142  0.0107  10 U   B C6    
206 P P     . G   B 4 ? 0.2461 0.2269 0.2544 0.0015  0.0197  0.0276  11 G   B P     
207 O OP1   . G   B 4 ? 0.2770 0.2499 0.2824 0.0045  0.0242  0.0351  11 G   B OP1   
208 O OP2   . G   B 4 ? 0.2532 0.2288 0.2663 -0.0035 0.0181  0.0225  11 G   B OP2   
209 O "O5'" . G   B 4 ? 0.2576 0.2459 0.2616 0.0071  0.0172  0.0246  11 G   B "O5'" 
210 C "C5'" . G   B 4 ? 0.2421 0.2396 0.2415 0.0135  0.0178  0.0272  11 G   B "C5'" 
211 C "C4'" . G   B 4 ? 0.2436 0.2513 0.2412 0.0164  0.0152  0.0213  11 G   B "C4'" 
212 O "O4'" . G   B 4 ? 0.2252 0.2379 0.2256 0.0104  0.0141  0.0150  11 G   B "O4'" 
213 C "C3'" . G   B 4 ? 0.2448 0.2467 0.2418 0.0180  0.0139  0.0189  11 G   B "C3'" 
214 O "O3'" . G   B 4 ? 0.2657 0.2647 0.2573 0.0267  0.0151  0.0236  11 G   B "O3'" 
215 C "C2'" . G   B 4 ? 0.2368 0.2514 0.2346 0.0163  0.0119  0.0112  11 G   B "C2'" 
216 O "O2'" . G   B 4 ? 0.2573 0.2879 0.2522 0.0223  0.0118  0.0097  11 G   B "O2'" 
217 C "C1'" . G   B 4 ? 0.2236 0.2383 0.2242 0.0094  0.0127  0.0092  11 G   B "C1'" 
218 N N9    . G   B 4 ? 0.2088 0.2137 0.2119 0.0044  0.0124  0.0078  11 G   B N9    
219 C C8    . G   B 4 ? 0.2032 0.1995 0.2084 0.0019  0.0126  0.0107  11 G   B C8    
220 N N7    . G   B 4 ? 0.2014 0.1936 0.2076 -0.0009 0.0119  0.0078  11 G   B N7    
221 C C5    . G   B 4 ? 0.1998 0.1957 0.2042 -0.0006 0.0117  0.0037  11 G   B C5    
222 C C6    . G   B 4 ? 0.2011 0.1949 0.2045 -0.0023 0.0118  0.0002  11 G   B C6    
223 O O6    . G   B 4 ? 0.1972 0.1864 0.2009 -0.0029 0.0115  0.0000  11 G   B O6    
224 N N1    . G   B 4 ? 0.1947 0.1947 0.1969 -0.0028 0.0127  -0.0036 11 G   B N1    
225 C C2    . G   B 4 ? 0.2072 0.2172 0.2093 -0.0014 0.0128  -0.0052 11 G   B C2    
226 N N2    . G   B 4 ? 0.2021 0.2209 0.2040 -0.0032 0.0139  -0.0106 11 G   B N2    
227 N N3    . G   B 4 ? 0.2113 0.2245 0.2134 0.0017  0.0121  -0.0020 11 G   B N3    
228 C C4    . G   B 4 ? 0.2040 0.2085 0.2071 0.0017  0.0120  0.0029  11 G   B C4    
229 P P     . C   B 5 ? 0.2809 0.2637 0.2711 0.0288  0.0156  0.0249  12 C   B P     
230 O OP1   . C   B 5 ? 0.3110 0.2889 0.2926 0.0399  0.0184  0.0316  12 C   B OP1   
231 O OP2   . C   B 5 ? 0.2901 0.2592 0.2858 0.0199  0.0165  0.0246  12 C   B OP2   
232 O "O5'" . C   B 5 ? 0.2749 0.2668 0.2660 0.0291  0.0119  0.0171  12 C   B "O5'" 
233 C "C5'" . C   B 5 ? 0.2775 0.2879 0.2656 0.0355  0.0103  0.0136  12 C   B "C5'" 
234 C "C4'" . C   B 5 ? 0.2655 0.2840 0.2567 0.0315  0.0080  0.0056  12 C   B "C4'" 
235 O "O4'" . C   B 5 ? 0.2563 0.2756 0.2527 0.0213  0.0082  0.0021  12 C   B "O4'" 
236 C "C3'" . C   B 5 ? 0.2720 0.2783 0.2635 0.0318  0.0069  0.0047  12 C   B "C3'" 
237 O "O3'" . C   B 5 ? 0.2992 0.3058 0.2848 0.0424  0.0063  0.0057  12 C   B "O3'" 
238 C "C2'" . C   B 5 ? 0.2637 0.2794 0.2594 0.0250  0.0057  -0.0024 12 C   B "C2'" 
239 O "O2'" . C   B 5 ? 0.2628 0.2977 0.2575 0.0278  0.0050  -0.0077 12 C   B "O2'" 
240 C "C1'" . C   B 5 ? 0.2516 0.2678 0.2503 0.0174  0.0073  -0.0021 12 C   B "C1'" 
241 N N1    . C   B 5 ? 0.2495 0.2516 0.2507 0.0121  0.0077  0.0000  12 C   B N1    
242 C C2    . C   B 5 ? 0.2428 0.2434 0.2456 0.0081  0.0073  -0.0036 12 C   B C2    
243 O O2    . C   B 5 ? 0.2475 0.2564 0.2495 0.0077  0.0074  -0.0078 12 C   B O2    
244 N N3    . C   B 5 ? 0.2306 0.2224 0.2353 0.0049  0.0073  -0.0026 12 C   B N3    
245 C C4    . C   B 5 ? 0.2328 0.2182 0.2392 0.0041  0.0077  0.0011  12 C   B C4    
246 N N4    . C   B 5 ? 0.2329 0.2142 0.2420 0.0010  0.0075  0.0004  12 C   B N4    
247 C C5    . C   B 5 ? 0.2485 0.2332 0.2537 0.0069  0.0088  0.0054  12 C   B C5    
248 C C6    . C   B 5 ? 0.2581 0.2510 0.2601 0.0117  0.0087  0.0052  12 C   B C6    
249 P P     . U   B 6 ? 0.3221 0.3082 0.3056 0.0452  0.0066  0.0073  13 U   B P     
250 O OP1   . U   B 6 ? 0.3485 0.3366 0.3233 0.0589  0.0066  0.0089  13 U   B OP1   
251 O OP2   . U   B 6 ? 0.3463 0.3132 0.3322 0.0393  0.0094  0.0120  13 U   B OP2   
252 O "O5'" . U   B 6 ? 0.3061 0.2967 0.2950 0.0389  0.0039  0.0001  13 U   B "O5'" 
253 C "C5'" . U   B 6 ? 0.2911 0.2999 0.2793 0.0417  0.0018  -0.0056 13 U   B "C5'" 
254 C "C4'" . U   B 6 ? 0.2742 0.2833 0.2670 0.0348  0.0006  -0.0106 13 U   B "C4'" 
255 O "O4'" . U   B 6 ? 0.2772 0.2843 0.2745 0.0251  0.0021  -0.0101 13 U   B "O4'" 
256 C "C3'" . U   B 6 ? 0.2818 0.2747 0.2750 0.0357  -0.0004 -0.0109 13 U   B "C3'" 
257 O "O3'" . U   B 6 ? 0.2913 0.2846 0.2799 0.0449  -0.0020 -0.0131 13 U   B "O3'" 
258 C "C2'" . U   B 6 ? 0.2730 0.2697 0.2708 0.0278  -0.0009 -0.0147 13 U   B "C2'" 
259 O "O2'" . U   B 6 ? 0.2687 0.2795 0.2656 0.0294  -0.0017 -0.0192 13 U   B "O2'" 
260 C "C1'" . U   B 6 ? 0.2663 0.2664 0.2662 0.0213  0.0013  -0.0122 13 U   B "C1'" 
261 N N1    . U   B 6 ? 0.2618 0.2497 0.2643 0.0170  0.0021  -0.0091 13 U   B N1    
262 C C2    . U   B 6 ? 0.2629 0.2488 0.2678 0.0128  0.0016  -0.0114 13 U   B C2    
263 O O2    . U   B 6 ? 0.2598 0.2518 0.2642 0.0128  0.0011  -0.0147 13 U   B O2    
264 N N3    . U   B 6 ? 0.2661 0.2449 0.2741 0.0091  0.0022  -0.0096 13 U   B N3    
265 C C4    . U   B 6 ? 0.2764 0.2481 0.2854 0.0081  0.0038  -0.0057 13 U   B C4    
266 O O4    . U   B 6 ? 0.2774 0.2455 0.2901 0.0039  0.0045  -0.0053 13 U   B O4    
267 C C5    . U   B 6 ? 0.2770 0.2484 0.2820 0.0133  0.0047  -0.0023 13 U   B C5    
268 C C6    . U   B 6 ? 0.2666 0.2468 0.2684 0.0180  0.0035  -0.0043 13 U   B C6    
269 P P     . A   B 7 ? 0.3108 0.2817 0.2968 0.0492  -0.0015 -0.0122 14 A   B P     
270 O OP1   . A   B 7 ? 0.3231 0.2976 0.3023 0.0611  -0.0029 -0.0141 14 A   B OP1   
271 O OP2   . A   B 7 ? 0.3368 0.2901 0.3224 0.0468  0.0021  -0.0060 14 A   B OP2   
272 O "O5'" . A   B 7 ? 0.3017 0.2700 0.2939 0.0418  -0.0032 -0.0177 14 A   B "O5'" 
273 C "C5'" . A   B 7 ? 0.2912 0.2727 0.2838 0.0436  -0.0058 -0.0233 14 A   B "C5'" 
274 C "C4'" . A   B 7 ? 0.2754 0.2560 0.2735 0.0368  -0.0069 -0.0272 14 A   B "C4'" 
275 O "O4'" . A   B 7 ? 0.2623 0.2457 0.2637 0.0289  -0.0052 -0.0243 14 A   B "O4'" 
276 C "C3'" . A   B 7 ? 0.2809 0.2449 0.2816 0.0354  -0.0070 -0.0301 14 A   B "C3'" 
277 O "O3'" . A   B 7 ? 0.2885 0.2494 0.2865 0.0423  -0.0089 -0.0353 14 A   B "O3'" 
278 C "C2'" . A   B 7 ? 0.2732 0.2440 0.2794 0.0282  -0.0078 -0.0328 14 A   B "C2'" 
279 O "O2'" . A   B 7 ? 0.2761 0.2587 0.2820 0.0311  -0.0102 -0.0378 14 A   B "O2'" 
280 C "C1'" . A   B 7 ? 0.2598 0.2383 0.2658 0.0244  -0.0059 -0.0270 14 A   B "C1'" 
281 N N9    . A   B 7 ? 0.2609 0.2311 0.2695 0.0191  -0.0037 -0.0233 14 A   B N9    
282 C C8    . A   B 7 ? 0.2681 0.2295 0.2751 0.0194  -0.0014 -0.0181 14 A   B C8    
283 N N7    . A   B 7 ? 0.2683 0.2250 0.2789 0.0136  0.0005  -0.0158 14 A   B N7    
284 C C5    . A   B 7 ? 0.2624 0.2260 0.2773 0.0097  -0.0011 -0.0204 14 A   B C5    
285 C C6    . A   B 7 ? 0.2658 0.2320 0.2854 0.0041  -0.0006 -0.0215 14 A   B C6    
286 N N6    . A   B 7 ? 0.2736 0.2346 0.2956 -0.0004 0.0020  -0.0179 14 A   B N6    
287 N N1    . A   B 7 ? 0.2567 0.2327 0.2781 0.0041  -0.0027 -0.0266 14 A   B N1    
288 C C2    . A   B 7 ? 0.2551 0.2366 0.2737 0.0087  -0.0048 -0.0298 14 A   B C2    
289 N N3    . A   B 7 ? 0.2524 0.2323 0.2671 0.0131  -0.0053 -0.0292 14 A   B N3    
290 C C4    . A   B 7 ? 0.2565 0.2277 0.2695 0.0135  -0.0036 -0.0246 14 A   B C4    
# 
loop_
_pdbx_poly_seq_scheme.asym_id 
_pdbx_poly_seq_scheme.entity_id 
_pdbx_poly_seq_scheme.seq_id 
_pdbx_poly_seq_scheme.mon_id 
_pdbx_poly_seq_scheme.ndb_seq_num 
_pdbx_poly_seq_scheme.pdb_seq_num 
_pdbx_poly_seq_scheme.auth_seq_num 
_pdbx_poly_seq_scheme.pdb_mon_id 
_pdbx_poly_seq_scheme.auth_mon_id 
_pdbx_poly_seq_scheme.pdb_strand_id 
_pdbx_poly_seq_scheme.pdb_ins_code 
_pdbx_poly_seq_scheme.hetero 
A 1 1 U   1 1  1  U   U   A . n 
A 1 2 A   2 2  2  A   A   A . n 
A 1 3 G   3 3  3  G   G   A . n 
A 1 4 C   4 4  4  C   C   A . n 
A 1 5 SUR 5 5  5  SUR 2sU A . n 
A 1 6 C   6 6  6  C   C   A . n 
A 1 7 C   7 7  7  C   C   A . n 
B 2 1 G   1 8  8  G   G   B . n 
B 2 2 G   2 9  9  G   G   B . n 
B 2 3 U   3 10 10 U   U   B . n 
B 2 4 G   4 11 11 G   G   B . n 
B 2 5 C   5 12 12 C   C   B . n 
B 2 6 U   6 13 13 U   U   B . n 
B 2 7 A   7 14 14 A   A   B . n 
# 
loop_
_pdbx_nonpoly_scheme.asym_id 
_pdbx_nonpoly_scheme.entity_id 
_pdbx_nonpoly_scheme.mon_id 
_pdbx_nonpoly_scheme.ndb_seq_num 
_pdbx_nonpoly_scheme.pdb_seq_num 
_pdbx_nonpoly_scheme.auth_seq_num 
_pdbx_nonpoly_scheme.pdb_mon_id 
_pdbx_nonpoly_scheme.auth_mon_id 
_pdbx_nonpoly_scheme.pdb_strand_id 
_pdbx_nonpoly_scheme.pdb_ins_code 
C 3 HOH 1  101 77 HOH HOH A . 
C 3 HOH 2  102 59 HOH HOH A . 
C 3 HOH 3  103 11 HOH HOH A . 
C 3 HOH 4  104 22 HOH HOH A . 
C 3 HOH 5  105 76 HOH HOH A . 
C 3 HOH 6  106 12 HOH HOH A . 
C 3 HOH 7  107 36 HOH HOH A . 
C 3 HOH 8  108 45 HOH HOH A . 
C 3 HOH 9  109 83 HOH HOH A . 
C 3 HOH 10 110 18 HOH HOH A . 
C 3 HOH 11 111 42 HOH HOH A . 
C 3 HOH 12 112 27 HOH HOH A . 
C 3 HOH 13 113 23 HOH HOH A . 
C 3 HOH 14 114 2  HOH HOH A . 
C 3 HOH 15 115 28 HOH HOH A . 
C 3 HOH 16 116 78 HOH HOH A . 
C 3 HOH 17 117 8  HOH HOH A . 
C 3 HOH 18 118 20 HOH HOH A . 
C 3 HOH 19 119 79 HOH HOH A . 
C 3 HOH 20 120 70 HOH HOH A . 
C 3 HOH 21 121 40 HOH HOH A . 
C 3 HOH 22 122 73 HOH HOH A . 
C 3 HOH 23 123 46 HOH HOH A . 
C 3 HOH 24 124 72 HOH HOH A . 
C 3 HOH 25 125 65 HOH HOH A . 
C 3 HOH 26 126 41 HOH HOH A . 
C 3 HOH 27 127 9  HOH HOH A . 
C 3 HOH 28 128 66 HOH HOH A . 
C 3 HOH 29 129 91 HOH HOH A . 
C 3 HOH 30 130 1  HOH HOH A . 
C 3 HOH 31 131 5  HOH HOH A . 
C 3 HOH 32 132 7  HOH HOH A . 
C 3 HOH 33 133 10 HOH HOH A . 
C 3 HOH 34 134 15 HOH HOH A . 
C 3 HOH 35 135 16 HOH HOH A . 
C 3 HOH 36 136 17 HOH HOH A . 
C 3 HOH 37 137 29 HOH HOH A . 
C 3 HOH 38 138 48 HOH HOH A . 
C 3 HOH 39 139 56 HOH HOH A . 
C 3 HOH 40 140 61 HOH HOH A . 
D 3 HOH 1  101 85 HOH HOH B . 
D 3 HOH 2  102 80 HOH HOH B . 
D 3 HOH 3  103 75 HOH HOH B . 
D 3 HOH 4  104 26 HOH HOH B . 
D 3 HOH 5  105 13 HOH HOH B . 
D 3 HOH 6  106 87 HOH HOH B . 
D 3 HOH 7  107 4  HOH HOH B . 
D 3 HOH 8  108 74 HOH HOH B . 
D 3 HOH 9  109 60 HOH HOH B . 
D 3 HOH 10 110 44 HOH HOH B . 
D 3 HOH 11 111 3  HOH HOH B . 
D 3 HOH 12 112 71 HOH HOH B . 
D 3 HOH 13 113 67 HOH HOH B . 
D 3 HOH 14 114 84 HOH HOH B . 
D 3 HOH 15 115 81 HOH HOH B . 
D 3 HOH 16 116 6  HOH HOH B . 
D 3 HOH 17 117 14 HOH HOH B . 
D 3 HOH 18 118 25 HOH HOH B . 
D 3 HOH 19 119 37 HOH HOH B . 
D 3 HOH 20 120 47 HOH HOH B . 
D 3 HOH 21 121 52 HOH HOH B . 
D 3 HOH 22 122 82 HOH HOH B . 
D 3 HOH 23 123 86 HOH HOH B . 
D 3 HOH 24 124 88 HOH HOH B . 
D 3 HOH 25 125 89 HOH HOH B . 
D 3 HOH 26 126 90 HOH HOH B . 
# 
_pdbx_struct_assembly.id                   1 
_pdbx_struct_assembly.details              author_and_software_defined_assembly 
_pdbx_struct_assembly.method_details       PISA 
_pdbx_struct_assembly.oligomeric_details   dimeric 
_pdbx_struct_assembly.oligomeric_count     2 
# 
_pdbx_struct_assembly_gen.assembly_id       1 
_pdbx_struct_assembly_gen.oper_expression   1 
_pdbx_struct_assembly_gen.asym_id_list      A,B,C,D 
# 
loop_
_pdbx_struct_assembly_prop.biol_id 
_pdbx_struct_assembly_prop.type 
_pdbx_struct_assembly_prop.value 
_pdbx_struct_assembly_prop.details 
1 'ABSA (A^2)' 1270 ? 
1 MORE         -5   ? 
1 'SSA (A^2)'  2590 ? 
# 
_pdbx_struct_oper_list.id                   1 
_pdbx_struct_oper_list.type                 'identity operation' 
_pdbx_struct_oper_list.name                 1_555 
_pdbx_struct_oper_list.symmetry_operation   x,y,z 
_pdbx_struct_oper_list.matrix[1][1]         1.0000000000 
_pdbx_struct_oper_list.matrix[1][2]         0.0000000000 
_pdbx_struct_oper_list.matrix[1][3]         0.0000000000 
_pdbx_struct_oper_list.vector[1]            0.0000000000 
_pdbx_struct_oper_list.matrix[2][1]         0.0000000000 
_pdbx_struct_oper_list.matrix[2][2]         1.0000000000 
_pdbx_struct_oper_list.matrix[2][3]         0.0000000000 
_pdbx_struct_oper_list.vector[2]            0.0000000000 
_pdbx_struct_oper_list.matrix[3][1]         0.0000000000 
_pdbx_struct_oper_list.matrix[3][2]         0.0000000000 
_pdbx_struct_oper_list.matrix[3][3]         1.0000000000 
_pdbx_struct_oper_list.vector[3]            0.0000000000 
# 
loop_
_pdbx_audit_revision_history.ordinal 
_pdbx_audit_revision_history.data_content_type 
_pdbx_audit_revision_history.major_revision 
_pdbx_audit_revision_history.minor_revision 
_pdbx_audit_revision_history.revision_date 
1 'Structure model' 1 0 2014-08-13 
2 'Structure model' 1 1 2014-09-17 
3 'Structure model' 1 2 2014-10-01 
4 'Structure model' 1 3 2014-10-15 
5 'Structure model' 1 4 2015-01-14 
6 'Structure model' 1 5 2015-08-26 
7 'Structure model' 1 6 2017-09-27 
8 'Structure model' 1 7 2019-11-20 
9 'Structure model' 1 8 2023-09-27 
# 
_pdbx_audit_revision_details.ordinal             1 
_pdbx_audit_revision_details.revision_ordinal    1 
_pdbx_audit_revision_details.data_content_type   'Structure model' 
_pdbx_audit_revision_details.provider            repository 
_pdbx_audit_revision_details.type                'Initial release' 
_pdbx_audit_revision_details.description         ? 
_pdbx_audit_revision_details.details             ? 
# 
loop_
_pdbx_audit_revision_group.ordinal 
_pdbx_audit_revision_group.revision_ordinal 
_pdbx_audit_revision_group.data_content_type 
_pdbx_audit_revision_group.group 
1  2 'Structure model' 'Database references'        
2  3 'Structure model' 'Database references'        
3  4 'Structure model' 'Database references'        
4  5 'Structure model' 'Database references'        
5  6 'Structure model' 'Data collection'            
6  7 'Structure model' 'Derived calculations'       
7  7 'Structure model' 'Refinement description'     
8  8 'Structure model' 'Author supporting evidence' 
9  9 'Structure model' 'Data collection'            
10 9 'Structure model' 'Database references'        
11 9 'Structure model' 'Refinement description'     
# 
loop_
_pdbx_audit_revision_category.ordinal 
_pdbx_audit_revision_category.revision_ordinal 
_pdbx_audit_revision_category.data_content_type 
_pdbx_audit_revision_category.category 
1 7 'Structure model' pdbx_struct_oper_list         
2 7 'Structure model' software                      
3 8 'Structure model' pdbx_audit_support            
4 9 'Structure model' chem_comp_atom                
5 9 'Structure model' chem_comp_bond                
6 9 'Structure model' database_2                    
7 9 'Structure model' pdbx_initial_refinement_model 
# 
loop_
_pdbx_audit_revision_item.ordinal 
_pdbx_audit_revision_item.revision_ordinal 
_pdbx_audit_revision_item.data_content_type 
_pdbx_audit_revision_item.item 
1 7 'Structure model' '_pdbx_struct_oper_list.symmetry_operation' 
2 7 'Structure model' '_software.classification'                  
3 8 'Structure model' '_pdbx_audit_support.funding_organization'  
4 9 'Structure model' '_database_2.pdbx_DOI'                      
5 9 'Structure model' '_database_2.pdbx_database_accession'       
# 
loop_
_pdbx_refine_tls.id 
_pdbx_refine_tls.pdbx_refine_id 
_pdbx_refine_tls.details 
_pdbx_refine_tls.method 
_pdbx_refine_tls.origin_x 
_pdbx_refine_tls.origin_y 
_pdbx_refine_tls.origin_z 
_pdbx_refine_tls.T[1][1] 
_pdbx_refine_tls.T[1][1]_esd 
_pdbx_refine_tls.T[1][2] 
_pdbx_refine_tls.T[1][2]_esd 
_pdbx_refine_tls.T[1][3] 
_pdbx_refine_tls.T[1][3]_esd 
_pdbx_refine_tls.T[2][2] 
_pdbx_refine_tls.T[2][2]_esd 
_pdbx_refine_tls.T[2][3] 
_pdbx_refine_tls.T[2][3]_esd 
_pdbx_refine_tls.T[3][3] 
_pdbx_refine_tls.T[3][3]_esd 
_pdbx_refine_tls.L[1][1] 
_pdbx_refine_tls.L[1][1]_esd 
_pdbx_refine_tls.L[1][2] 
_pdbx_refine_tls.L[1][2]_esd 
_pdbx_refine_tls.L[1][3] 
_pdbx_refine_tls.L[1][3]_esd 
_pdbx_refine_tls.L[2][2] 
_pdbx_refine_tls.L[2][2]_esd 
_pdbx_refine_tls.L[2][3] 
_pdbx_refine_tls.L[2][3]_esd 
_pdbx_refine_tls.L[3][3] 
_pdbx_refine_tls.L[3][3]_esd 
_pdbx_refine_tls.S[1][1] 
_pdbx_refine_tls.S[1][1]_esd 
_pdbx_refine_tls.S[1][2] 
_pdbx_refine_tls.S[1][2]_esd 
_pdbx_refine_tls.S[1][3] 
_pdbx_refine_tls.S[1][3]_esd 
_pdbx_refine_tls.S[2][1] 
_pdbx_refine_tls.S[2][1]_esd 
_pdbx_refine_tls.S[2][2] 
_pdbx_refine_tls.S[2][2]_esd 
_pdbx_refine_tls.S[2][3] 
_pdbx_refine_tls.S[2][3]_esd 
_pdbx_refine_tls.S[3][1] 
_pdbx_refine_tls.S[3][1]_esd 
_pdbx_refine_tls.S[3][2] 
_pdbx_refine_tls.S[3][2]_esd 
_pdbx_refine_tls.S[3][3] 
_pdbx_refine_tls.S[3][3]_esd 
1 'X-RAY DIFFRACTION' ? refined -1.0418 -2.1946 1.6564  0.0131 ? -0.0081 ? -0.0024 ? 0.0407 ? -0.0078 ? 0.0615 ? 0.9509 ? -0.3486 ? 0.3911  ? 0.5966 ? 0.5272 ? 1.1281 ? 0.0610 ? -0.0034 ? 0.1562 ? -0.0095 ? -0.0473 ? -0.1248 ? 0.0366  ? -0.0945 ? -0.0137 ? 
2 'X-RAY DIFFRACTION' ? refined -0.7647 3.8833  -1.7212 0.0299 ? 0.0018  ? 0.0091  ? 0.0122 ? 0.0049  ? 0.0382 ? 1.4625 ? -0.6776 ? -0.7368 ? 0.3512 ? 0.6001 ? 2.1706 ? 0.0143 ? 0.0688  ? 0.1646 ? -0.0275 ? -0.0388 ? -0.0620 ? -0.1438 ? -0.0832 ? 0.0245  ? 
# 
loop_
_pdbx_refine_tls_group.id 
_pdbx_refine_tls_group.pdbx_refine_id 
_pdbx_refine_tls_group.refine_tls_id 
_pdbx_refine_tls_group.beg_label_asym_id 
_pdbx_refine_tls_group.beg_label_seq_id 
_pdbx_refine_tls_group.beg_auth_asym_id 
_pdbx_refine_tls_group.beg_auth_seq_id 
_pdbx_refine_tls_group.end_label_asym_id 
_pdbx_refine_tls_group.end_label_seq_id 
_pdbx_refine_tls_group.end_auth_asym_id 
_pdbx_refine_tls_group.end_auth_seq_id 
_pdbx_refine_tls_group.selection 
_pdbx_refine_tls_group.selection_details 
1 'X-RAY DIFFRACTION' 1 ? ? A 1 ? ? A 8  ? ? 
2 'X-RAY DIFFRACTION' 2 ? ? B 9 ? ? B 14 ? ? 
# 
loop_
_software.citation_id 
_software.classification 
_software.compiler_name 
_software.compiler_version 
_software.contact_author 
_software.contact_author_email 
_software.date 
_software.description 
_software.dependencies 
_software.hardware 
_software.language 
_software.location 
_software.mods 
_software.name 
_software.os 
_software.os_version 
_software.type 
_software.version 
_software.pdbx_ordinal 
? 'data scaling' ? ? ? ? ? ? ? ? ? ? ? HKL-2000 ? ? ? .        1 
? refinement     ? ? ? ? ? ? ? ? ? ? ? REFMAC   ? ? ? 5.6.0117 2 
# 
_pdbx_validate_close_contact.id               1 
_pdbx_validate_close_contact.PDB_model_num    1 
_pdbx_validate_close_contact.auth_atom_id_1   O 
_pdbx_validate_close_contact.auth_asym_id_1   A 
_pdbx_validate_close_contact.auth_comp_id_1   HOH 
_pdbx_validate_close_contact.auth_seq_id_1    130 
_pdbx_validate_close_contact.PDB_ins_code_1   ? 
_pdbx_validate_close_contact.label_alt_id_1   ? 
_pdbx_validate_close_contact.auth_atom_id_2   O 
_pdbx_validate_close_contact.auth_asym_id_2   B 
_pdbx_validate_close_contact.auth_comp_id_2   HOH 
_pdbx_validate_close_contact.auth_seq_id_2    120 
_pdbx_validate_close_contact.PDB_ins_code_2   ? 
_pdbx_validate_close_contact.label_alt_id_2   ? 
_pdbx_validate_close_contact.dist             1.82 
# 
loop_
_chem_comp_atom.comp_id 
_chem_comp_atom.atom_id 
_chem_comp_atom.type_symbol 
_chem_comp_atom.pdbx_aromatic_flag 
_chem_comp_atom.pdbx_stereo_config 
_chem_comp_atom.pdbx_ordinal 
A   OP3    O N N 1   
A   P      P N N 2   
A   OP1    O N N 3   
A   OP2    O N N 4   
A   "O5'"  O N N 5   
A   "C5'"  C N N 6   
A   "C4'"  C N R 7   
A   "O4'"  O N N 8   
A   "C3'"  C N S 9   
A   "O3'"  O N N 10  
A   "C2'"  C N R 11  
A   "O2'"  O N N 12  
A   "C1'"  C N R 13  
A   N9     N Y N 14  
A   C8     C Y N 15  
A   N7     N Y N 16  
A   C5     C Y N 17  
A   C6     C Y N 18  
A   N6     N N N 19  
A   N1     N Y N 20  
A   C2     C Y N 21  
A   N3     N Y N 22  
A   C4     C Y N 23  
A   HOP3   H N N 24  
A   HOP2   H N N 25  
A   "H5'"  H N N 26  
A   "H5''" H N N 27  
A   "H4'"  H N N 28  
A   "H3'"  H N N 29  
A   "HO3'" H N N 30  
A   "H2'"  H N N 31  
A   "HO2'" H N N 32  
A   "H1'"  H N N 33  
A   H8     H N N 34  
A   H61    H N N 35  
A   H62    H N N 36  
A   H2     H N N 37  
C   OP3    O N N 38  
C   P      P N N 39  
C   OP1    O N N 40  
C   OP2    O N N 41  
C   "O5'"  O N N 42  
C   "C5'"  C N N 43  
C   "C4'"  C N R 44  
C   "O4'"  O N N 45  
C   "C3'"  C N S 46  
C   "O3'"  O N N 47  
C   "C2'"  C N R 48  
C   "O2'"  O N N 49  
C   "C1'"  C N R 50  
C   N1     N N N 51  
C   C2     C N N 52  
C   O2     O N N 53  
C   N3     N N N 54  
C   C4     C N N 55  
C   N4     N N N 56  
C   C5     C N N 57  
C   C6     C N N 58  
C   HOP3   H N N 59  
C   HOP2   H N N 60  
C   "H5'"  H N N 61  
C   "H5''" H N N 62  
C   "H4'"  H N N 63  
C   "H3'"  H N N 64  
C   "HO3'" H N N 65  
C   "H2'"  H N N 66  
C   "HO2'" H N N 67  
C   "H1'"  H N N 68  
C   H41    H N N 69  
C   H42    H N N 70  
C   H5     H N N 71  
C   H6     H N N 72  
G   OP3    O N N 73  
G   P      P N N 74  
G   OP1    O N N 75  
G   OP2    O N N 76  
G   "O5'"  O N N 77  
G   "C5'"  C N N 78  
G   "C4'"  C N R 79  
G   "O4'"  O N N 80  
G   "C3'"  C N S 81  
G   "O3'"  O N N 82  
G   "C2'"  C N R 83  
G   "O2'"  O N N 84  
G   "C1'"  C N R 85  
G   N9     N Y N 86  
G   C8     C Y N 87  
G   N7     N Y N 88  
G   C5     C Y N 89  
G   C6     C N N 90  
G   O6     O N N 91  
G   N1     N N N 92  
G   C2     C N N 93  
G   N2     N N N 94  
G   N3     N N N 95  
G   C4     C Y N 96  
G   HOP3   H N N 97  
G   HOP2   H N N 98  
G   "H5'"  H N N 99  
G   "H5''" H N N 100 
G   "H4'"  H N N 101 
G   "H3'"  H N N 102 
G   "HO3'" H N N 103 
G   "H2'"  H N N 104 
G   "HO2'" H N N 105 
G   "H1'"  H N N 106 
G   H8     H N N 107 
G   H1     H N N 108 
G   H21    H N N 109 
G   H22    H N N 110 
HOH O      O N N 111 
HOH H1     H N N 112 
HOH H2     H N N 113 
SUR P      P N N 114 
SUR OP1    O N N 115 
SUR OP2    O N N 116 
SUR OP3    O N N 117 
SUR "O5'"  O N N 118 
SUR "C5'"  C N N 119 
SUR "C4'"  C N R 120 
SUR "O4'"  O N N 121 
SUR "C3'"  C N S 122 
SUR "C1'"  C N R 123 
SUR N1     N N N 124 
SUR "C2'"  C N R 125 
SUR C6     C N N 126 
SUR C2     C N N 127 
SUR C5     C N N 128 
SUR S2     S N N 129 
SUR N3     N N N 130 
SUR C4     C N N 131 
SUR O4     O N N 132 
SUR "O2'"  O N N 133 
SUR "O3'"  O N N 134 
SUR HOP1   H N N 135 
SUR HOP3   H N N 136 
SUR "H5'1" H N N 137 
SUR "H5'2" H N N 138 
SUR "H4'"  H N N 139 
SUR "H3'"  H N N 140 
SUR "H1'"  H N N 141 
SUR "H2'"  H N N 142 
SUR HC6    H N N 143 
SUR HC5    H N N 144 
SUR HN3    H N N 145 
SUR HO2    H N N 146 
SUR HO3    H N N 147 
U   OP3    O N N 148 
U   P      P N N 149 
U   OP1    O N N 150 
U   OP2    O N N 151 
U   "O5'"  O N N 152 
U   "C5'"  C N N 153 
U   "C4'"  C N R 154 
U   "O4'"  O N N 155 
U   "C3'"  C N S 156 
U   "O3'"  O N N 157 
U   "C2'"  C N R 158 
U   "O2'"  O N N 159 
U   "C1'"  C N R 160 
U   N1     N N N 161 
U   C2     C N N 162 
U   O2     O N N 163 
U   N3     N N N 164 
U   C4     C N N 165 
U   O4     O N N 166 
U   C5     C N N 167 
U   C6     C N N 168 
U   HOP3   H N N 169 
U   HOP2   H N N 170 
U   "H5'"  H N N 171 
U   "H5''" H N N 172 
U   "H4'"  H N N 173 
U   "H3'"  H N N 174 
U   "HO3'" H N N 175 
U   "H2'"  H N N 176 
U   "HO2'" H N N 177 
U   "H1'"  H N N 178 
U   H3     H N N 179 
U   H5     H N N 180 
U   H6     H N N 181 
# 
loop_
_chem_comp_bond.comp_id 
_chem_comp_bond.atom_id_1 
_chem_comp_bond.atom_id_2 
_chem_comp_bond.value_order 
_chem_comp_bond.pdbx_aromatic_flag 
_chem_comp_bond.pdbx_stereo_config 
_chem_comp_bond.pdbx_ordinal 
A   OP3   P      sing N N 1   
A   OP3   HOP3   sing N N 2   
A   P     OP1    doub N N 3   
A   P     OP2    sing N N 4   
A   P     "O5'"  sing N N 5   
A   OP2   HOP2   sing N N 6   
A   "O5'" "C5'"  sing N N 7   
A   "C5'" "C4'"  sing N N 8   
A   "C5'" "H5'"  sing N N 9   
A   "C5'" "H5''" sing N N 10  
A   "C4'" "O4'"  sing N N 11  
A   "C4'" "C3'"  sing N N 12  
A   "C4'" "H4'"  sing N N 13  
A   "O4'" "C1'"  sing N N 14  
A   "C3'" "O3'"  sing N N 15  
A   "C3'" "C2'"  sing N N 16  
A   "C3'" "H3'"  sing N N 17  
A   "O3'" "HO3'" sing N N 18  
A   "C2'" "O2'"  sing N N 19  
A   "C2'" "C1'"  sing N N 20  
A   "C2'" "H2'"  sing N N 21  
A   "O2'" "HO2'" sing N N 22  
A   "C1'" N9     sing N N 23  
A   "C1'" "H1'"  sing N N 24  
A   N9    C8     sing Y N 25  
A   N9    C4     sing Y N 26  
A   C8    N7     doub Y N 27  
A   C8    H8     sing N N 28  
A   N7    C5     sing Y N 29  
A   C5    C6     sing Y N 30  
A   C5    C4     doub Y N 31  
A   C6    N6     sing N N 32  
A   C6    N1     doub Y N 33  
A   N6    H61    sing N N 34  
A   N6    H62    sing N N 35  
A   N1    C2     sing Y N 36  
A   C2    N3     doub Y N 37  
A   C2    H2     sing N N 38  
A   N3    C4     sing Y N 39  
C   OP3   P      sing N N 40  
C   OP3   HOP3   sing N N 41  
C   P     OP1    doub N N 42  
C   P     OP2    sing N N 43  
C   P     "O5'"  sing N N 44  
C   OP2   HOP2   sing N N 45  
C   "O5'" "C5'"  sing N N 46  
C   "C5'" "C4'"  sing N N 47  
C   "C5'" "H5'"  sing N N 48  
C   "C5'" "H5''" sing N N 49  
C   "C4'" "O4'"  sing N N 50  
C   "C4'" "C3'"  sing N N 51  
C   "C4'" "H4'"  sing N N 52  
C   "O4'" "C1'"  sing N N 53  
C   "C3'" "O3'"  sing N N 54  
C   "C3'" "C2'"  sing N N 55  
C   "C3'" "H3'"  sing N N 56  
C   "O3'" "HO3'" sing N N 57  
C   "C2'" "O2'"  sing N N 58  
C   "C2'" "C1'"  sing N N 59  
C   "C2'" "H2'"  sing N N 60  
C   "O2'" "HO2'" sing N N 61  
C   "C1'" N1     sing N N 62  
C   "C1'" "H1'"  sing N N 63  
C   N1    C2     sing N N 64  
C   N1    C6     sing N N 65  
C   C2    O2     doub N N 66  
C   C2    N3     sing N N 67  
C   N3    C4     doub N N 68  
C   C4    N4     sing N N 69  
C   C4    C5     sing N N 70  
C   N4    H41    sing N N 71  
C   N4    H42    sing N N 72  
C   C5    C6     doub N N 73  
C   C5    H5     sing N N 74  
C   C6    H6     sing N N 75  
G   OP3   P      sing N N 76  
G   OP3   HOP3   sing N N 77  
G   P     OP1    doub N N 78  
G   P     OP2    sing N N 79  
G   P     "O5'"  sing N N 80  
G   OP2   HOP2   sing N N 81  
G   "O5'" "C5'"  sing N N 82  
G   "C5'" "C4'"  sing N N 83  
G   "C5'" "H5'"  sing N N 84  
G   "C5'" "H5''" sing N N 85  
G   "C4'" "O4'"  sing N N 86  
G   "C4'" "C3'"  sing N N 87  
G   "C4'" "H4'"  sing N N 88  
G   "O4'" "C1'"  sing N N 89  
G   "C3'" "O3'"  sing N N 90  
G   "C3'" "C2'"  sing N N 91  
G   "C3'" "H3'"  sing N N 92  
G   "O3'" "HO3'" sing N N 93  
G   "C2'" "O2'"  sing N N 94  
G   "C2'" "C1'"  sing N N 95  
G   "C2'" "H2'"  sing N N 96  
G   "O2'" "HO2'" sing N N 97  
G   "C1'" N9     sing N N 98  
G   "C1'" "H1'"  sing N N 99  
G   N9    C8     sing Y N 100 
G   N9    C4     sing Y N 101 
G   C8    N7     doub Y N 102 
G   C8    H8     sing N N 103 
G   N7    C5     sing Y N 104 
G   C5    C6     sing N N 105 
G   C5    C4     doub Y N 106 
G   C6    O6     doub N N 107 
G   C6    N1     sing N N 108 
G   N1    C2     sing N N 109 
G   N1    H1     sing N N 110 
G   C2    N2     sing N N 111 
G   C2    N3     doub N N 112 
G   N2    H21    sing N N 113 
G   N2    H22    sing N N 114 
G   N3    C4     sing N N 115 
HOH O     H1     sing N N 116 
HOH O     H2     sing N N 117 
SUR P     OP1    sing N N 118 
SUR P     OP2    doub N N 119 
SUR P     OP3    sing N N 120 
SUR P     "O5'"  sing N N 121 
SUR OP1   HOP1   sing N N 122 
SUR OP3   HOP3   sing N N 123 
SUR "O5'" "C5'"  sing N N 124 
SUR "C5'" "C4'"  sing N N 125 
SUR "C5'" "H5'1" sing N N 126 
SUR "C5'" "H5'2" sing N N 127 
SUR "C4'" "O4'"  sing N N 128 
SUR "C4'" "C3'"  sing N N 129 
SUR "C4'" "H4'"  sing N N 130 
SUR "O4'" "C1'"  sing N N 131 
SUR "C3'" "C2'"  sing N N 132 
SUR "C3'" "O3'"  sing N N 133 
SUR "C3'" "H3'"  sing N N 134 
SUR "C1'" N1     sing N N 135 
SUR "C1'" "C2'"  sing N N 136 
SUR "C1'" "H1'"  sing N N 137 
SUR N1    C6     sing N N 138 
SUR N1    C2     sing N N 139 
SUR "C2'" "O2'"  sing N N 140 
SUR "C2'" "H2'"  sing N N 141 
SUR C6    C5     doub N N 142 
SUR C6    HC6    sing N N 143 
SUR C2    S2     doub N N 144 
SUR C2    N3     sing N N 145 
SUR C5    C4     sing N N 146 
SUR C5    HC5    sing N N 147 
SUR N3    C4     sing N N 148 
SUR N3    HN3    sing N N 149 
SUR C4    O4     doub N N 150 
SUR "O2'" HO2    sing N N 151 
SUR "O3'" HO3    sing N N 152 
U   OP3   P      sing N N 153 
U   OP3   HOP3   sing N N 154 
U   P     OP1    doub N N 155 
U   P     OP2    sing N N 156 
U   P     "O5'"  sing N N 157 
U   OP2   HOP2   sing N N 158 
U   "O5'" "C5'"  sing N N 159 
U   "C5'" "C4'"  sing N N 160 
U   "C5'" "H5'"  sing N N 161 
U   "C5'" "H5''" sing N N 162 
U   "C4'" "O4'"  sing N N 163 
U   "C4'" "C3'"  sing N N 164 
U   "C4'" "H4'"  sing N N 165 
U   "O4'" "C1'"  sing N N 166 
U   "C3'" "O3'"  sing N N 167 
U   "C3'" "C2'"  sing N N 168 
U   "C3'" "H3'"  sing N N 169 
U   "O3'" "HO3'" sing N N 170 
U   "C2'" "O2'"  sing N N 171 
U   "C2'" "C1'"  sing N N 172 
U   "C2'" "H2'"  sing N N 173 
U   "O2'" "HO2'" sing N N 174 
U   "C1'" N1     sing N N 175 
U   "C1'" "H1'"  sing N N 176 
U   N1    C2     sing N N 177 
U   N1    C6     sing N N 178 
U   C2    O2     doub N N 179 
U   C2    N3     sing N N 180 
U   N3    C4     sing N N 181 
U   N3    H3     sing N N 182 
U   C4    O4     doub N N 183 
U   C4    C5     sing N N 184 
U   C5    C6     doub N N 185 
U   C5    H5     sing N N 186 
U   C6    H6     sing N N 187 
# 
_ndb_struct_conf_na.entry_id   4U35 
_ndb_struct_conf_na.feature    'a-form double helix' 
# 
loop_
_ndb_struct_na_base_pair.model_number 
_ndb_struct_na_base_pair.i_label_asym_id 
_ndb_struct_na_base_pair.i_label_comp_id 
_ndb_struct_na_base_pair.i_label_seq_id 
_ndb_struct_na_base_pair.i_symmetry 
_ndb_struct_na_base_pair.j_label_asym_id 
_ndb_struct_na_base_pair.j_label_comp_id 
_ndb_struct_na_base_pair.j_label_seq_id 
_ndb_struct_na_base_pair.j_symmetry 
_ndb_struct_na_base_pair.shear 
_ndb_struct_na_base_pair.stretch 
_ndb_struct_na_base_pair.stagger 
_ndb_struct_na_base_pair.buckle 
_ndb_struct_na_base_pair.propeller 
_ndb_struct_na_base_pair.opening 
_ndb_struct_na_base_pair.pair_number 
_ndb_struct_na_base_pair.pair_name 
_ndb_struct_na_base_pair.i_auth_asym_id 
_ndb_struct_na_base_pair.i_auth_seq_id 
_ndb_struct_na_base_pair.i_PDB_ins_code 
_ndb_struct_na_base_pair.j_auth_asym_id 
_ndb_struct_na_base_pair.j_auth_seq_id 
_ndb_struct_na_base_pair.j_PDB_ins_code 
_ndb_struct_na_base_pair.hbond_type_28 
_ndb_struct_na_base_pair.hbond_type_12 
1 A U   1 1_555 B A 7 1_555 -0.333 -0.045 0.067  -3.600 -2.509  0.602  1 A_U1:A14_B   A 1 ? B 14 ? 20 1 
1 A A   2 1_555 B U 6 1_555 0.055  -0.141 0.263  6.660  -13.019 4.922  2 A_A2:U13_B   A 2 ? B 13 ? 20 1 
1 A G   3 1_555 B C 5 1_555 -0.426 -0.230 -0.025 4.951  -11.899 2.278  3 A_G3:C12_B   A 3 ? B 12 ? 19 1 
1 A C   4 1_555 B G 4 1_555 0.242  -0.173 -0.118 6.426  -11.717 -2.436 4 A_C4:G11_B   A 4 ? B 11 ? 19 1 
1 A SUR 5 1_555 B U 3 1_555 2.257  -1.562 0.117  -6.891 -15.507 -4.857 5 A_SUR5:U10_B A 5 ? B 10 ? ?  ? 
1 A C   6 1_555 B G 2 1_555 0.266  -0.157 -0.121 5.631  -18.797 1.578  6 A_C6:G9_B    A 6 ? B 9  ? 19 1 
1 A C   7 1_555 B G 1 1_555 0.382  -0.170 -0.013 -0.168 -1.410  -1.302 7 A_C7:G8_B    A 7 ? B 8  ? 19 1 
# 
loop_
_ndb_struct_na_base_pair_step.model_number 
_ndb_struct_na_base_pair_step.i_label_asym_id_1 
_ndb_struct_na_base_pair_step.i_label_comp_id_1 
_ndb_struct_na_base_pair_step.i_label_seq_id_1 
_ndb_struct_na_base_pair_step.i_symmetry_1 
_ndb_struct_na_base_pair_step.j_label_asym_id_1 
_ndb_struct_na_base_pair_step.j_label_comp_id_1 
_ndb_struct_na_base_pair_step.j_label_seq_id_1 
_ndb_struct_na_base_pair_step.j_symmetry_1 
_ndb_struct_na_base_pair_step.i_label_asym_id_2 
_ndb_struct_na_base_pair_step.i_label_comp_id_2 
_ndb_struct_na_base_pair_step.i_label_seq_id_2 
_ndb_struct_na_base_pair_step.i_symmetry_2 
_ndb_struct_na_base_pair_step.j_label_asym_id_2 
_ndb_struct_na_base_pair_step.j_label_comp_id_2 
_ndb_struct_na_base_pair_step.j_label_seq_id_2 
_ndb_struct_na_base_pair_step.j_symmetry_2 
_ndb_struct_na_base_pair_step.shift 
_ndb_struct_na_base_pair_step.slide 
_ndb_struct_na_base_pair_step.rise 
_ndb_struct_na_base_pair_step.tilt 
_ndb_struct_na_base_pair_step.roll 
_ndb_struct_na_base_pair_step.twist 
_ndb_struct_na_base_pair_step.x_displacement 
_ndb_struct_na_base_pair_step.y_displacement 
_ndb_struct_na_base_pair_step.helical_rise 
_ndb_struct_na_base_pair_step.inclination 
_ndb_struct_na_base_pair_step.tip 
_ndb_struct_na_base_pair_step.helical_twist 
_ndb_struct_na_base_pair_step.step_number 
_ndb_struct_na_base_pair_step.step_name 
_ndb_struct_na_base_pair_step.i_auth_asym_id_1 
_ndb_struct_na_base_pair_step.i_auth_seq_id_1 
_ndb_struct_na_base_pair_step.i_PDB_ins_code_1 
_ndb_struct_na_base_pair_step.j_auth_asym_id_1 
_ndb_struct_na_base_pair_step.j_auth_seq_id_1 
_ndb_struct_na_base_pair_step.j_PDB_ins_code_1 
_ndb_struct_na_base_pair_step.i_auth_asym_id_2 
_ndb_struct_na_base_pair_step.i_auth_seq_id_2 
_ndb_struct_na_base_pair_step.i_PDB_ins_code_2 
_ndb_struct_na_base_pair_step.j_auth_asym_id_2 
_ndb_struct_na_base_pair_step.j_auth_seq_id_2 
_ndb_struct_na_base_pair_step.j_PDB_ins_code_2 
1 A U   1 1_555 B A 7 1_555 A A   2 1_555 B U 6 1_555 -0.012 -1.431 2.938 -1.887 10.337 29.946 -4.198 -0.267 2.325 19.273 3.519   
31.696 1 AA_U1A2:U13A14_BB   A 1 ? B 14 ? A 2 ? B 13 ? 
1 A A   2 1_555 B U 6 1_555 A G   3 1_555 B C 5 1_555 -0.793 -1.606 3.172 -2.556 9.677  30.720 -4.449 1.015  2.614 17.687 4.671   
32.273 2 AA_A2G3:C12U13_BB   A 2 ? B 13 ? A 3 ? B 12 ? 
1 A G   3 1_555 B C 5 1_555 A C   4 1_555 B G 4 1_555 -0.367 -1.353 3.253 -0.545 7.525  33.685 -3.392 0.538  2.898 12.787 0.926   
34.496 3 AA_G3C4:G11C12_BB   A 3 ? B 12 ? A 4 ? B 11 ? 
1 A C   4 1_555 B G 4 1_555 A SUR 5 1_555 B U 3 1_555 0.301  -1.529 3.667 2.403  11.497 43.281 -3.126 -0.161 3.193 15.255 -3.188  
44.773 4 AA_C4SUR5:U10G11_BB A 4 ? B 11 ? A 5 ? B 10 ? 
1 A SUR 5 1_555 B U 3 1_555 A C   6 1_555 B G 2 1_555 0.680  -1.660 2.709 7.727  3.005  25.422 -4.242 0.199  2.590 6.608  -16.991 
26.718 5 AA_SUR5C6:G9U10_BB  A 5 ? B 10 ? A 6 ? B 9  ? 
1 A C   6 1_555 B G 2 1_555 A C   7 1_555 B G 1 1_555 -0.666 -1.624 3.462 -2.295 7.741  30.863 -4.377 0.792  3.017 14.241 4.222   
31.877 6 AA_C6C7:G8G9_BB     A 6 ? B 9  ? A 7 ? B 8  ? 
# 
_pdbx_audit_support.funding_organization   'Howard Hughes Medical Institute (HHMI)' 
_pdbx_audit_support.country                'United States' 
_pdbx_audit_support.grant_number           ? 
_pdbx_audit_support.ordinal                1 
# 
_pdbx_entity_nonpoly.entity_id   3 
_pdbx_entity_nonpoly.name        water 
_pdbx_entity_nonpoly.comp_id     HOH 
# 
_pdbx_initial_refinement_model.id               1 
_pdbx_initial_refinement_model.entity_id_list   ? 
_pdbx_initial_refinement_model.type             'experimental model' 
_pdbx_initial_refinement_model.source_name      PDB 
_pdbx_initial_refinement_model.accession_code   434D 
_pdbx_initial_refinement_model.details          'PDB entry 434D' 
# 
